data_4IHD
#
_entry.id   4IHD
#
_cell.length_a   140.611
_cell.length_b   68.950
_cell.length_c   73.827
_cell.angle_alpha   90.00
_cell.angle_beta   90.00
_cell.angle_gamma   90.00
#
_symmetry.space_group_name_H-M   'P 21 21 2'
#
loop_
_entity.id
_entity.type
_entity.pdbx_description
1 polymer 'ThnT protein'
2 non-polymer 'ETHYL MERCURY ION'
3 water water
#
_entity_poly.entity_id   1
_entity_poly.type   'polypeptide(L)'
_entity_poly.pdbx_seq_one_letter_code
;MGSSHHHHHHSSGLVPRGSHMDPEAGSRARGLKGVHRVSANSGGIGGVPGPHNGLTDVPGVRVGHAGRTGDGWLTGVTVV
LAPPGGAVAAVDVRGGGPGTRETDALDPRNLVQTIDAVVLTGGSAFGLDAAGGVAAWLEEQGRGFPVGADPSQVVPVVPA
AALFDLGRGGTWRARPDAALGRAAVEAAAARPEGDPVEQGGVGAGTGAVVGGLKGGIGTASVVLDSGATVAALAAVNAAG
SAVDPATGVLYGARTGLPGEFAGYGVPDAIGADTHARARARLAEAAEETARRRAGGAATLNCTLAVVATDATLTRAQAQK
LAGTAHDGLARAVRPVHLLSDGDTVFALSTGRRPLLPDRPDATAARAFGVHLEAGALNEVLAAGADVLTRAVVHAVLAAT
GVDTPGGVHPSYRELYARP
;
_entity_poly.pdbx_strand_id   A,B
#
# COMPACT_ATOMS: atom_id res chain seq x y z
N GLY A 44 -14.30 14.78 21.93
CA GLY A 44 -14.37 13.62 20.99
C GLY A 44 -14.03 12.30 21.68
N ILE A 45 -14.79 11.26 21.35
CA ILE A 45 -14.58 9.93 21.95
C ILE A 45 -13.64 9.04 21.12
N GLY A 46 -13.20 9.54 19.97
CA GLY A 46 -12.37 8.75 19.06
C GLY A 46 -10.88 8.81 19.34
N GLY A 47 -10.13 7.93 18.67
CA GLY A 47 -8.66 7.92 18.76
C GLY A 47 -8.12 7.11 19.93
N VAL A 48 -8.97 6.24 20.47
CA VAL A 48 -8.63 5.38 21.59
CA VAL A 48 -8.68 5.38 21.62
C VAL A 48 -8.99 3.95 21.20
N PRO A 49 -8.27 2.96 21.78
CA PRO A 49 -8.65 1.59 21.41
C PRO A 49 -9.99 1.19 22.01
N GLY A 50 -10.64 0.20 21.40
CA GLY A 50 -11.81 -0.41 21.98
C GLY A 50 -11.45 -1.16 23.26
N PRO A 51 -12.45 -1.77 23.92
CA PRO A 51 -12.25 -2.34 25.25
C PRO A 51 -11.06 -3.30 25.41
N HIS A 52 -10.82 -4.19 24.44
CA HIS A 52 -9.68 -5.10 24.53
C HIS A 52 -8.64 -4.88 23.44
N ASN A 53 -8.78 -3.79 22.69
CA ASN A 53 -7.84 -3.45 21.61
C ASN A 53 -7.69 -4.58 20.60
N GLY A 54 -8.83 -5.02 20.06
CA GLY A 54 -8.81 -6.13 19.13
C GLY A 54 -10.06 -6.28 18.32
N LEU A 55 -10.08 -7.31 17.48
CA LEU A 55 -11.12 -7.47 16.47
C LEU A 55 -12.52 -7.61 17.06
N THR A 56 -12.61 -8.26 18.22
CA THR A 56 -13.91 -8.51 18.88
C THR A 56 -14.51 -7.26 19.53
N ASP A 57 -13.76 -6.15 19.51
CA ASP A 57 -14.31 -4.85 19.86
C ASP A 57 -15.37 -4.38 18.85
N VAL A 58 -15.40 -4.99 17.66
CA VAL A 58 -16.51 -4.81 16.73
C VAL A 58 -17.63 -5.74 17.22
N PRO A 59 -18.72 -5.16 17.77
CA PRO A 59 -19.70 -6.03 18.45
C PRO A 59 -20.26 -7.15 17.58
N GLY A 60 -20.29 -8.37 18.13
CA GLY A 60 -20.83 -9.52 17.43
C GLY A 60 -19.79 -10.37 16.73
N VAL A 61 -18.60 -9.82 16.51
CA VAL A 61 -17.52 -10.58 15.87
C VAL A 61 -16.91 -11.52 16.92
N ARG A 62 -16.62 -12.74 16.48
CA ARG A 62 -15.95 -13.73 17.30
C ARG A 62 -14.73 -14.24 16.56
N VAL A 63 -13.72 -14.64 17.32
CA VAL A 63 -12.49 -15.18 16.73
C VAL A 63 -12.19 -16.49 17.44
N GLY A 64 -11.82 -17.51 16.68
CA GLY A 64 -11.42 -18.79 17.25
C GLY A 64 -10.11 -19.29 16.65
N HIS A 65 -9.25 -19.85 17.49
CA HIS A 65 -8.00 -20.46 17.05
C HIS A 65 -8.03 -21.96 17.36
N ALA A 66 -7.45 -22.76 16.48
CA ALA A 66 -7.09 -24.14 16.80
C ALA A 66 -5.72 -24.42 16.22
N GLY A 67 -4.86 -25.05 16.99
CA GLY A 67 -3.48 -25.25 16.58
C GLY A 67 -2.92 -26.59 17.02
N ARG A 68 -1.79 -26.94 16.42
CA ARG A 68 -1.07 -28.15 16.77
C ARG A 68 0.40 -27.82 16.88
N THR A 69 0.97 -28.10 18.06
CA THR A 69 2.38 -27.86 18.34
CA THR A 69 2.38 -27.87 18.31
C THR A 69 2.99 -29.10 18.96
N GLY A 70 4.22 -29.41 18.56
CA GLY A 70 4.94 -30.56 19.10
C GLY A 70 4.81 -31.79 18.23
N ASP A 71 5.70 -32.76 18.44
CA ASP A 71 5.64 -34.03 17.73
CA ASP A 71 5.69 -34.04 17.71
C ASP A 71 5.67 -33.82 16.20
N GLY A 72 6.39 -32.79 15.75
CA GLY A 72 6.57 -32.49 14.32
C GLY A 72 5.68 -31.38 13.78
N TRP A 73 4.78 -30.87 14.61
CA TRP A 73 3.76 -29.91 14.20
C TRP A 73 4.03 -28.50 14.70
N LEU A 74 3.68 -27.52 13.89
CA LEU A 74 3.70 -26.12 14.31
C LEU A 74 2.82 -25.32 13.36
N THR A 75 1.51 -25.50 13.48
CA THR A 75 0.58 -24.86 12.55
C THR A 75 -0.80 -24.72 13.18
N GLY A 76 -1.71 -24.06 12.46
CA GLY A 76 -3.06 -23.90 12.97
C GLY A 76 -3.95 -23.09 12.07
N VAL A 77 -5.15 -22.83 12.57
CA VAL A 77 -6.21 -22.15 11.84
C VAL A 77 -6.83 -21.08 12.74
N THR A 78 -7.17 -19.94 12.14
CA THR A 78 -7.90 -18.87 12.81
C THR A 78 -9.15 -18.60 11.99
N VAL A 79 -10.30 -18.60 12.67
CA VAL A 79 -11.55 -18.28 12.01
C VAL A 79 -12.12 -17.01 12.61
N VAL A 80 -12.53 -16.10 11.73
CA VAL A 80 -13.32 -14.94 12.13
C VAL A 80 -14.77 -15.25 11.80
N LEU A 81 -15.61 -15.23 12.84
CA LEU A 81 -17.02 -15.59 12.73
C LEU A 81 -17.89 -14.36 12.92
N ALA A 82 -18.66 -14.01 11.88
CA ALA A 82 -19.59 -12.89 11.96
C ALA A 82 -20.78 -13.26 12.83
N PRO A 83 -21.50 -12.24 13.34
CA PRO A 83 -22.70 -12.54 14.12
C PRO A 83 -23.79 -13.16 13.26
N PRO A 84 -24.80 -13.77 13.89
CA PRO A 84 -25.91 -14.33 13.13
C PRO A 84 -26.46 -13.31 12.13
N GLY A 85 -26.75 -13.78 10.92
CA GLY A 85 -27.18 -12.90 9.83
C GLY A 85 -26.04 -12.53 8.90
N GLY A 86 -24.81 -12.75 9.36
CA GLY A 86 -23.62 -12.55 8.55
C GLY A 86 -23.13 -11.11 8.53
N ALA A 87 -22.11 -10.86 7.72
CA ALA A 87 -21.54 -9.54 7.56
C ALA A 87 -21.29 -9.27 6.09
N VAL A 88 -21.37 -8.02 5.69
CA VAL A 88 -20.95 -7.62 4.36
C VAL A 88 -19.45 -7.84 4.30
N ALA A 89 -18.96 -8.46 3.22
CA ALA A 89 -17.55 -8.82 3.12
C ALA A 89 -16.96 -8.49 1.76
N ALA A 90 -15.68 -8.18 1.74
CA ALA A 90 -14.93 -7.98 0.51
C ALA A 90 -13.49 -8.44 0.73
N VAL A 91 -12.73 -8.47 -0.36
CA VAL A 91 -11.35 -8.93 -0.30
C VAL A 91 -10.48 -8.17 -1.28
N ASP A 92 -9.21 -8.01 -0.91
CA ASP A 92 -8.19 -7.50 -1.80
C ASP A 92 -6.97 -8.41 -1.67
N VAL A 93 -6.69 -9.16 -2.74
CA VAL A 93 -5.60 -10.11 -2.76
C VAL A 93 -4.49 -9.51 -3.61
N ARG A 94 -3.28 -9.51 -3.08
CA ARG A 94 -2.11 -9.05 -3.83
CA ARG A 94 -2.10 -9.01 -3.79
C ARG A 94 -1.02 -10.10 -3.79
N GLY A 95 -0.87 -10.80 -4.91
CA GLY A 95 0.13 -11.84 -5.03
C GLY A 95 -0.49 -13.21 -5.05
N GLY A 96 -1.82 -13.23 -5.07
CA GLY A 96 -2.60 -14.42 -5.40
C GLY A 96 -2.39 -15.60 -4.50
N GLY A 97 -2.70 -16.77 -5.04
CA GLY A 97 -2.30 -18.03 -4.45
C GLY A 97 -0.90 -18.40 -4.91
N PRO A 98 -0.43 -19.58 -4.52
CA PRO A 98 -1.24 -20.63 -3.92
C PRO A 98 -1.81 -20.29 -2.54
N GLY A 99 -3.12 -20.47 -2.42
CA GLY A 99 -3.76 -20.65 -1.13
C GLY A 99 -4.92 -19.71 -0.91
N THR A 100 -5.80 -19.53 -1.90
CA THR A 100 -7.06 -18.81 -1.65
C THR A 100 -8.27 -19.59 -2.13
N ARG A 101 -9.40 -19.28 -1.49
CA ARG A 101 -10.68 -19.93 -1.74
C ARG A 101 -11.80 -18.90 -1.66
N GLU A 102 -12.75 -19.01 -2.59
CA GLU A 102 -13.99 -18.24 -2.62
C GLU A 102 -13.79 -16.73 -2.62
N THR A 103 -12.70 -16.26 -3.23
CA THR A 103 -12.49 -14.83 -3.34
C THR A 103 -13.39 -14.21 -4.42
N ASP A 104 -13.69 -14.93 -5.50
CA ASP A 104 -14.57 -14.42 -6.55
C ASP A 104 -15.96 -14.11 -6.02
N ALA A 105 -16.41 -14.90 -5.04
CA ALA A 105 -17.75 -14.73 -4.46
C ALA A 105 -17.92 -13.37 -3.79
N LEU A 106 -16.81 -12.75 -3.43
CA LEU A 106 -16.81 -11.47 -2.73
C LEU A 106 -16.79 -10.25 -3.67
N ASP A 107 -16.85 -10.48 -4.98
CA ASP A 107 -16.95 -9.36 -5.91
C ASP A 107 -18.29 -8.62 -5.68
N PRO A 108 -18.28 -7.28 -5.70
CA PRO A 108 -19.53 -6.51 -5.51
C PRO A 108 -20.69 -6.81 -6.48
N ARG A 109 -20.40 -7.36 -7.65
CA ARG A 109 -21.44 -7.71 -8.62
C ARG A 109 -22.21 -8.98 -8.29
N ASN A 110 -21.67 -9.79 -7.38
CA ASN A 110 -22.19 -11.13 -7.26
CA ASN A 110 -22.09 -11.18 -7.10
C ASN A 110 -23.41 -11.27 -6.34
N LEU A 111 -24.06 -12.43 -6.42
CA LEU A 111 -25.35 -12.68 -5.78
C LEU A 111 -25.33 -12.63 -4.25
N VAL A 112 -24.37 -13.32 -3.64
N VAL A 112 -24.36 -13.31 -3.65
CA VAL A 112 -24.38 -13.48 -2.18
CA VAL A 112 -24.25 -13.36 -2.18
C VAL A 112 -24.02 -12.17 -1.48
C VAL A 112 -23.44 -12.18 -1.67
N GLN A 113 -24.88 -11.73 -0.58
N GLN A 113 -24.07 -11.32 -0.87
CA GLN A 113 -24.79 -10.38 -0.03
CA GLN A 113 -23.38 -10.14 -0.36
C GLN A 113 -24.06 -10.31 1.31
C GLN A 113 -22.86 -10.35 1.07
N THR A 114 -23.91 -11.45 1.98
N THR A 114 -23.54 -11.17 1.88
CA THR A 114 -23.18 -11.49 3.24
CA THR A 114 -23.07 -11.42 3.24
C THR A 114 -22.57 -12.88 3.45
C THR A 114 -22.55 -12.83 3.43
N ILE A 115 -21.58 -12.98 4.33
CA ILE A 115 -20.98 -14.27 4.68
C ILE A 115 -20.90 -14.37 6.19
N ASP A 116 -20.64 -15.58 6.69
CA ASP A 116 -20.58 -15.82 8.13
C ASP A 116 -19.17 -16.03 8.67
N ALA A 117 -18.25 -16.54 7.86
CA ALA A 117 -16.91 -16.84 8.35
C ALA A 117 -15.80 -16.65 7.31
N VAL A 118 -14.65 -16.18 7.78
CA VAL A 118 -13.42 -16.12 7.00
C VAL A 118 -12.41 -17.04 7.68
N VAL A 119 -11.70 -17.83 6.89
CA VAL A 119 -10.75 -18.80 7.42
C VAL A 119 -9.33 -18.40 7.05
N LEU A 120 -8.47 -18.21 8.07
CA LEU A 120 -7.03 -18.02 7.87
C LEU A 120 -6.32 -19.29 8.32
N THR A 121 -5.41 -19.81 7.51
CA THR A 121 -4.83 -21.10 7.85
C THR A 121 -3.37 -21.22 7.45
N GLY A 122 -2.65 -22.04 8.19
CA GLY A 122 -1.35 -22.52 7.76
C GLY A 122 -1.51 -23.63 6.73
N GLY A 123 -0.38 -24.23 6.34
CA GLY A 123 -0.37 -25.38 5.45
C GLY A 123 -0.34 -25.04 3.98
N SER A 124 -0.14 -23.77 3.65
CA SER A 124 -0.23 -23.31 2.26
C SER A 124 -1.49 -23.86 1.57
N ALA A 125 -1.40 -24.22 0.28
CA ALA A 125 -2.59 -24.65 -0.45
C ALA A 125 -3.25 -25.88 0.18
N PHE A 126 -2.47 -26.76 0.80
CA PHE A 126 -3.03 -27.94 1.47
C PHE A 126 -3.99 -27.54 2.60
N GLY A 127 -3.64 -26.48 3.31
CA GLY A 127 -4.43 -26.02 4.45
C GLY A 127 -5.79 -25.49 4.09
N LEU A 128 -6.03 -25.19 2.81
CA LEU A 128 -7.38 -24.82 2.37
C LEU A 128 -8.38 -25.91 2.74
N ASP A 129 -7.91 -27.13 2.94
CA ASP A 129 -8.75 -28.23 3.41
C ASP A 129 -9.50 -27.87 4.70
N ALA A 130 -8.90 -27.02 5.54
CA ALA A 130 -9.56 -26.57 6.77
C ALA A 130 -10.91 -25.91 6.52
N ALA A 131 -11.03 -25.20 5.38
CA ALA A 131 -12.27 -24.46 5.10
C ALA A 131 -13.48 -25.38 4.92
N GLY A 132 -13.25 -26.58 4.39
CA GLY A 132 -14.33 -27.57 4.27
C GLY A 132 -14.96 -27.94 5.60
N GLY A 133 -14.13 -27.99 6.64
CA GLY A 133 -14.63 -28.28 7.98
C GLY A 133 -15.49 -27.16 8.52
N VAL A 134 -15.12 -25.92 8.18
CA VAL A 134 -15.89 -24.76 8.59
C VAL A 134 -17.21 -24.71 7.84
N ALA A 135 -17.19 -24.97 6.53
CA ALA A 135 -18.43 -25.03 5.75
C ALA A 135 -19.39 -26.09 6.31
N ALA A 136 -18.85 -27.24 6.71
CA ALA A 136 -19.68 -28.30 7.29
C ALA A 136 -20.37 -27.84 8.57
N TRP A 137 -19.60 -27.18 9.44
CA TRP A 137 -20.15 -26.65 10.70
C TRP A 137 -21.24 -25.62 10.42
N LEU A 138 -20.99 -24.70 9.49
CA LEU A 138 -21.98 -23.68 9.15
C LEU A 138 -23.27 -24.31 8.64
N GLU A 139 -23.16 -25.36 7.81
CA GLU A 139 -24.35 -26.04 7.32
C GLU A 139 -25.17 -26.58 8.49
N GLU A 140 -24.49 -27.21 9.45
CA GLU A 140 -25.14 -27.77 10.64
C GLU A 140 -25.87 -26.71 11.45
N GLN A 141 -25.34 -25.49 11.42
CA GLN A 141 -25.93 -24.35 12.11
C GLN A 141 -27.03 -23.64 11.29
N GLY A 142 -27.27 -24.10 10.07
CA GLY A 142 -28.24 -23.47 9.19
C GLY A 142 -27.81 -22.10 8.69
N ARG A 143 -26.51 -21.88 8.59
CA ARG A 143 -25.95 -20.59 8.23
C ARG A 143 -25.31 -20.60 6.86
N GLY A 144 -25.90 -19.87 5.93
CA GLY A 144 -25.38 -19.77 4.59
C GLY A 144 -26.45 -19.25 3.65
N PHE A 145 -26.09 -19.19 2.37
CA PHE A 145 -27.00 -18.72 1.35
C PHE A 145 -28.16 -19.68 1.21
N PRO A 146 -29.41 -19.18 1.35
CA PRO A 146 -30.55 -20.10 1.32
C PRO A 146 -30.84 -20.64 -0.09
N VAL A 147 -30.97 -21.95 -0.21
CA VAL A 147 -31.17 -22.60 -1.52
C VAL A 147 -32.35 -23.58 -1.50
N GLY A 148 -33.28 -23.35 -0.59
CA GLY A 148 -34.51 -24.14 -0.51
C GLY A 148 -35.49 -23.48 0.43
N ALA A 149 -36.76 -23.86 0.35
CA ALA A 149 -37.77 -23.34 1.27
C ALA A 149 -37.52 -23.85 2.70
N ASP A 150 -36.83 -24.99 2.79
CA ASP A 150 -36.38 -25.54 4.06
C ASP A 150 -35.16 -24.75 4.55
N PRO A 151 -35.26 -24.10 5.73
CA PRO A 151 -34.12 -23.33 6.27
C PRO A 151 -32.82 -24.12 6.50
N SER A 152 -32.90 -25.46 6.51
CA SER A 152 -31.69 -26.28 6.65
C SER A 152 -30.86 -26.33 5.35
N GLN A 153 -31.45 -25.97 4.23
CA GLN A 153 -30.79 -26.08 2.94
C GLN A 153 -30.04 -24.80 2.62
N VAL A 154 -28.74 -24.80 2.88
CA VAL A 154 -27.92 -23.59 2.73
C VAL A 154 -26.59 -23.92 2.07
N VAL A 155 -26.02 -22.94 1.37
CA VAL A 155 -24.66 -23.04 0.85
C VAL A 155 -23.80 -21.98 1.52
N PRO A 156 -22.94 -22.39 2.46
CA PRO A 156 -22.04 -21.44 3.11
C PRO A 156 -20.96 -20.97 2.15
N VAL A 157 -20.78 -19.64 2.05
CA VAL A 157 -19.68 -19.05 1.29
C VAL A 157 -18.59 -18.79 2.31
N VAL A 158 -17.51 -19.56 2.23
CA VAL A 158 -16.44 -19.50 3.22
C VAL A 158 -15.13 -19.16 2.52
N PRO A 159 -14.82 -17.86 2.44
CA PRO A 159 -13.52 -17.46 1.90
C PRO A 159 -12.40 -17.90 2.81
N ALA A 160 -11.27 -18.23 2.22
CA ALA A 160 -10.10 -18.60 2.99
C ALA A 160 -8.81 -18.17 2.30
N ALA A 161 -7.80 -17.96 3.11
CA ALA A 161 -6.46 -17.70 2.60
C ALA A 161 -5.47 -18.46 3.47
N ALA A 162 -4.41 -18.98 2.85
CA ALA A 162 -3.46 -19.81 3.56
C ALA A 162 -2.10 -19.16 3.54
N LEU A 163 -1.30 -19.41 4.57
CA LEU A 163 0.06 -18.94 4.59
C LEU A 163 0.99 -20.15 4.58
N PHE A 164 2.21 -19.91 4.11
CA PHE A 164 3.20 -20.95 4.00
C PHE A 164 4.00 -21.11 5.28
N ASP A 165 3.83 -22.26 5.92
CA ASP A 165 4.59 -22.62 7.11
C ASP A 165 5.06 -24.07 7.06
N LEU A 166 5.18 -24.64 5.85
CA LEU A 166 5.42 -26.07 5.74
C LEU A 166 6.74 -26.49 6.40
N GLY A 167 6.67 -27.55 7.19
CA GLY A 167 7.85 -28.15 7.77
C GLY A 167 8.42 -27.45 8.98
N ARG A 168 7.79 -26.36 9.42
CA ARG A 168 8.38 -25.57 10.51
C ARG A 168 8.31 -26.23 11.87
N GLY A 169 7.52 -27.30 11.98
CA GLY A 169 7.49 -28.13 13.18
C GLY A 169 8.45 -29.30 13.09
N GLY A 170 8.93 -29.60 11.88
CA GLY A 170 9.78 -30.76 11.63
C GLY A 170 9.21 -31.72 10.60
N THR A 171 7.89 -31.87 10.58
CA THR A 171 7.24 -32.84 9.71
C THR A 171 6.61 -32.12 8.54
N TRP A 172 7.02 -32.48 7.34
CA TRP A 172 6.58 -31.78 6.13
C TRP A 172 5.07 -31.84 5.90
N ARG A 173 4.47 -33.01 6.11
CA ARG A 173 3.05 -33.17 5.78
C ARG A 173 2.09 -32.81 6.94
N ALA A 174 2.62 -32.15 7.96
CA ALA A 174 1.85 -31.73 9.13
C ALA A 174 1.11 -30.43 8.86
N ARG A 175 -0.07 -30.52 8.26
CA ARG A 175 -0.81 -29.34 7.79
C ARG A 175 -2.24 -29.38 8.31
N PRO A 176 -2.87 -28.20 8.44
CA PRO A 176 -4.26 -28.18 8.88
C PRO A 176 -5.19 -28.95 7.93
N ASP A 177 -6.17 -29.61 8.53
CA ASP A 177 -7.16 -30.40 7.80
C ASP A 177 -8.57 -29.93 8.17
N ALA A 178 -9.58 -30.57 7.61
CA ALA A 178 -10.96 -30.19 7.89
C ALA A 178 -11.26 -30.17 9.40
N ALA A 179 -10.77 -31.17 10.12
CA ALA A 179 -11.04 -31.28 11.56
C ALA A 179 -10.50 -30.08 12.33
N LEU A 180 -9.31 -29.62 11.97
CA LEU A 180 -8.70 -28.48 12.64
C LEU A 180 -9.47 -27.20 12.33
N GLY A 181 -9.94 -27.06 11.09
CA GLY A 181 -10.79 -25.94 10.72
C GLY A 181 -12.09 -25.93 11.51
N ARG A 182 -12.74 -27.08 11.61
CA ARG A 182 -13.95 -27.20 12.42
CA ARG A 182 -13.94 -27.21 12.42
C ARG A 182 -13.67 -26.80 13.87
N ALA A 183 -12.57 -27.27 14.42
CA ALA A 183 -12.21 -26.96 15.80
C ALA A 183 -12.09 -25.45 16.01
N ALA A 184 -11.53 -24.74 15.02
CA ALA A 184 -11.36 -23.29 15.13
C ALA A 184 -12.69 -22.53 15.14
N VAL A 185 -13.62 -22.92 14.26
CA VAL A 185 -14.90 -22.21 14.23
C VAL A 185 -15.73 -22.58 15.45
N GLU A 186 -15.64 -23.83 15.91
CA GLU A 186 -16.33 -24.20 17.15
C GLU A 186 -15.78 -23.41 18.35
N ALA A 187 -14.48 -23.17 18.36
CA ALA A 187 -13.86 -22.35 19.40
C ALA A 187 -14.38 -20.93 19.34
N ALA A 188 -14.54 -20.39 18.12
CA ALA A 188 -15.07 -19.05 17.96
C ALA A 188 -16.50 -18.96 18.49
N ALA A 189 -17.29 -19.96 18.15
CA ALA A 189 -18.72 -19.95 18.49
C ALA A 189 -18.94 -20.00 20.00
N ALA A 190 -18.01 -20.62 20.71
CA ALA A 190 -18.11 -20.81 22.16
C ALA A 190 -17.76 -19.56 22.97
N ARG A 191 -17.21 -18.54 22.32
CA ARG A 191 -16.84 -17.31 23.02
C ARG A 191 -18.02 -16.38 23.12
N PRO A 192 -18.06 -15.57 24.21
CA PRO A 192 -19.05 -14.50 24.26
C PRO A 192 -18.65 -13.36 23.35
N GLU A 193 -19.58 -12.45 23.07
CA GLU A 193 -19.22 -11.20 22.40
C GLU A 193 -18.17 -10.44 23.22
N GLY A 194 -17.37 -9.64 22.52
CA GLY A 194 -16.39 -8.77 23.17
C GLY A 194 -15.34 -9.51 23.97
N ASP A 195 -14.98 -10.70 23.53
CA ASP A 195 -14.02 -11.54 24.25
C ASP A 195 -12.61 -11.18 23.77
N PRO A 196 -11.64 -11.04 24.70
CA PRO A 196 -10.30 -10.71 24.25
C PRO A 196 -9.75 -11.76 23.28
N VAL A 197 -9.02 -11.32 22.26
CA VAL A 197 -8.45 -12.22 21.25
C VAL A 197 -7.04 -12.65 21.68
N GLU A 198 -6.78 -13.96 21.73
CA GLU A 198 -5.42 -14.42 22.03
C GLU A 198 -4.50 -14.09 20.85
N GLN A 199 -3.30 -13.62 21.18
CA GLN A 199 -2.33 -13.21 20.19
C GLN A 199 -1.11 -14.11 20.27
N GLY A 200 -0.17 -13.93 19.36
CA GLY A 200 1.07 -14.69 19.37
C GLY A 200 1.02 -15.95 18.52
N GLY A 201 1.64 -17.01 19.03
CA GLY A 201 1.80 -18.24 18.27
C GLY A 201 0.60 -19.14 18.45
N VAL A 202 -0.53 -18.68 17.93
CA VAL A 202 -1.79 -19.39 18.04
C VAL A 202 -2.50 -19.37 16.71
N GLY A 203 -3.38 -20.34 16.50
CA GLY A 203 -4.14 -20.45 15.27
C GLY A 203 -3.25 -20.39 14.06
N ALA A 204 -3.64 -19.60 13.06
CA ALA A 204 -2.87 -19.47 11.84
C ALA A 204 -1.49 -18.87 12.10
N GLY A 205 -1.33 -18.18 13.22
CA GLY A 205 -0.03 -17.62 13.59
C GLY A 205 0.97 -18.59 14.18
N THR A 206 0.55 -19.82 14.47
CA THR A 206 1.39 -20.78 15.20
C THR A 206 2.75 -20.96 14.54
N GLY A 207 2.76 -21.18 13.23
CA GLY A 207 4.01 -21.37 12.49
C GLY A 207 4.50 -20.16 11.70
N ALA A 208 3.97 -18.98 12.00
CA ALA A 208 4.27 -17.80 11.21
C ALA A 208 5.63 -17.19 11.56
N VAL A 209 6.31 -16.71 10.53
CA VAL A 209 7.64 -16.11 10.62
C VAL A 209 7.66 -14.84 9.78
N VAL A 210 8.23 -13.76 10.33
CA VAL A 210 8.29 -12.47 9.65
C VAL A 210 9.74 -12.00 9.59
N GLY A 211 10.30 -11.95 8.40
CA GLY A 211 11.70 -11.56 8.19
C GLY A 211 12.67 -12.38 9.04
N GLY A 212 12.36 -13.66 9.24
CA GLY A 212 13.19 -14.55 10.06
C GLY A 212 12.83 -14.59 11.55
N LEU A 213 12.26 -13.51 12.07
CA LEU A 213 11.78 -13.45 13.44
C LEU A 213 10.48 -14.21 13.55
N LYS A 214 10.16 -14.69 14.75
CA LYS A 214 8.86 -15.31 14.95
C LYS A 214 7.76 -14.28 14.72
N GLY A 215 6.78 -14.64 13.89
CA GLY A 215 5.59 -13.83 13.68
C GLY A 215 4.45 -14.39 14.50
N GLY A 216 3.22 -14.20 14.04
CA GLY A 216 2.09 -14.70 14.78
C GLY A 216 0.82 -13.92 14.53
N ILE A 217 -0.16 -14.12 15.41
CA ILE A 217 -1.40 -13.34 15.40
C ILE A 217 -1.24 -12.05 16.18
N GLY A 218 -1.73 -10.95 15.60
CA GLY A 218 -1.86 -9.69 16.32
C GLY A 218 -3.17 -9.03 15.99
N THR A 219 -3.60 -8.13 16.86
CA THR A 219 -4.88 -7.46 16.67
C THR A 219 -4.83 -6.09 17.30
N ALA A 220 -5.69 -5.20 16.80
CA ALA A 220 -5.75 -3.82 17.28
C ALA A 220 -7.10 -3.23 16.89
N SER A 221 -7.56 -2.23 17.63
CA SER A 221 -8.79 -1.51 17.31
C SER A 221 -8.70 -0.02 17.60
N VAL A 222 -9.66 0.73 17.07
CA VAL A 222 -9.78 2.15 17.36
C VAL A 222 -11.24 2.55 17.26
N VAL A 223 -11.64 3.45 18.15
CA VAL A 223 -13.00 4.01 18.12
C VAL A 223 -12.94 5.31 17.33
N LEU A 224 -13.93 5.53 16.49
CA LEU A 224 -14.02 6.77 15.72
C LEU A 224 -14.85 7.78 16.49
N ASP A 225 -14.72 9.05 16.14
CA ASP A 225 -15.51 10.11 16.77
C ASP A 225 -17.01 9.87 16.63
N SER A 226 -17.41 9.19 15.55
CA SER A 226 -18.81 8.77 15.35
C SER A 226 -19.27 7.70 16.35
N GLY A 227 -18.33 7.05 17.02
CA GLY A 227 -18.65 5.94 17.92
C GLY A 227 -18.47 4.57 17.29
N ALA A 228 -18.31 4.50 15.97
CA ALA A 228 -18.03 3.24 15.30
C ALA A 228 -16.64 2.75 15.67
N THR A 229 -16.43 1.44 15.59
CA THR A 229 -15.14 0.84 15.86
C THR A 229 -14.58 0.24 14.57
N VAL A 230 -13.28 0.40 14.36
CA VAL A 230 -12.58 -0.26 13.26
C VAL A 230 -11.47 -1.09 13.89
N ALA A 231 -11.29 -2.31 13.41
CA ALA A 231 -10.30 -3.18 14.01
C ALA A 231 -9.69 -4.11 12.97
N ALA A 232 -8.54 -4.67 13.33
CA ALA A 232 -7.85 -5.62 12.45
C ALA A 232 -7.29 -6.80 13.22
N LEU A 233 -7.19 -7.92 12.51
CA LEU A 233 -6.49 -9.10 12.99
C LEU A 233 -5.57 -9.51 11.86
N ALA A 234 -4.31 -9.79 12.20
CA ALA A 234 -3.30 -10.17 11.22
C ALA A 234 -2.56 -11.44 11.62
N ALA A 235 -2.27 -12.27 10.63
CA ALA A 235 -1.36 -13.41 10.77
C ALA A 235 -0.14 -13.03 9.94
N VAL A 236 0.94 -12.68 10.63
CA VAL A 236 2.10 -12.04 10.00
C VAL A 236 3.18 -13.06 9.67
N ASN A 237 3.39 -13.29 8.38
CA ASN A 237 4.32 -14.32 7.89
C ASN A 237 5.19 -13.82 6.71
N ALA A 238 5.56 -12.55 6.76
CA ALA A 238 6.14 -11.86 5.61
C ALA A 238 7.60 -12.20 5.34
N ALA A 239 7.99 -12.06 4.08
CA ALA A 239 9.39 -12.16 3.66
C ALA A 239 10.19 -10.96 4.16
N GLY A 240 9.55 -9.79 4.10
CA GLY A 240 10.19 -8.55 4.53
C GLY A 240 10.31 -8.44 6.03
N SER A 241 10.86 -7.31 6.47
CA SER A 241 11.17 -7.09 7.86
C SER A 241 10.20 -6.13 8.52
N ALA A 242 9.83 -6.45 9.76
CA ALA A 242 9.07 -5.53 10.60
C ALA A 242 10.00 -4.55 11.32
N VAL A 243 11.31 -4.75 11.18
CA VAL A 243 12.33 -4.04 11.92
C VAL A 243 13.20 -3.23 10.97
N ASP A 244 13.41 -1.96 11.29
CA ASP A 244 14.30 -1.13 10.49
C ASP A 244 15.73 -1.66 10.69
N PRO A 245 16.39 -2.14 9.61
CA PRO A 245 17.72 -2.71 9.78
C PRO A 245 18.77 -1.73 10.29
N ALA A 246 18.53 -0.43 10.14
CA ALA A 246 19.48 0.60 10.59
C ALA A 246 19.42 0.82 12.11
N THR A 247 18.26 0.60 12.72
CA THR A 247 18.05 1.00 14.12
C THR A 247 17.56 -0.09 15.07
N GLY A 248 16.84 -1.09 14.57
CA GLY A 248 16.18 -2.07 15.44
C GLY A 248 14.76 -1.66 15.84
N VAL A 249 14.32 -0.48 15.41
CA VAL A 249 12.99 0.01 15.75
C VAL A 249 11.97 -0.67 14.85
N LEU A 250 10.82 -1.02 15.42
CA LEU A 250 9.73 -1.57 14.63
C LEU A 250 9.15 -0.49 13.74
N TYR A 251 9.08 -0.76 12.43
CA TYR A 251 8.53 0.20 11.49
C TYR A 251 7.16 0.71 11.92
N GLY A 252 6.30 -0.19 12.38
CA GLY A 252 4.93 0.16 12.72
C GLY A 252 4.75 0.96 14.00
N ALA A 253 5.79 1.03 14.82
CA ALA A 253 5.66 1.60 16.17
C ALA A 253 5.18 3.05 16.18
N ARG A 254 5.65 3.86 15.24
CA ARG A 254 5.24 5.26 15.24
C ARG A 254 3.77 5.48 14.83
N THR A 255 3.11 4.43 14.35
CA THR A 255 1.67 4.48 14.08
C THR A 255 0.86 4.07 15.31
N GLY A 256 1.52 3.64 16.38
CA GLY A 256 0.80 3.24 17.59
C GLY A 256 0.06 4.38 18.24
N LEU A 257 -1.00 4.04 18.96
CA LEU A 257 -1.69 5.01 19.81
C LEU A 257 -0.87 5.17 21.09
N PRO A 258 -0.93 6.36 21.71
CA PRO A 258 -0.11 6.63 22.90
C PRO A 258 -0.24 5.56 23.98
N GLY A 259 0.91 4.99 24.38
CA GLY A 259 0.99 3.99 25.44
C GLY A 259 0.54 2.56 25.16
N GLU A 260 0.07 2.25 23.95
CA GLU A 260 -0.57 0.93 23.76
C GLU A 260 0.40 -0.26 23.81
N PHE A 261 1.69 0.00 23.56
CA PHE A 261 2.71 -1.05 23.51
C PHE A 261 3.51 -1.15 24.82
N ALA A 262 3.18 -0.31 25.79
CA ALA A 262 3.97 -0.17 27.02
C ALA A 262 4.08 -1.47 27.83
N GLY A 263 3.01 -2.26 27.79
CA GLY A 263 2.97 -3.54 28.52
C GLY A 263 3.94 -4.61 28.06
N TYR A 264 4.56 -4.41 26.88
CA TYR A 264 5.50 -5.38 26.31
C TYR A 264 6.97 -5.14 26.72
N GLY A 265 7.30 -3.92 27.18
CA GLY A 265 8.59 -3.66 27.83
C GLY A 265 9.83 -3.49 26.96
N VAL A 266 9.69 -2.81 25.83
CA VAL A 266 10.83 -2.48 24.96
C VAL A 266 11.15 -0.97 25.04
N PRO A 267 12.42 -0.61 25.30
CA PRO A 267 12.84 0.79 25.40
C PRO A 267 12.58 1.65 24.16
N ASP A 268 12.35 2.94 24.36
CA ASP A 268 12.19 3.90 23.25
C ASP A 268 13.48 3.99 22.44
N ALA A 269 14.62 4.02 23.14
CA ALA A 269 15.93 4.06 22.51
C ALA A 269 16.59 2.69 22.59
N ILE A 270 16.91 2.13 21.43
CA ILE A 270 17.62 0.86 21.34
C ILE A 270 19.10 1.14 21.13
N GLY A 271 19.94 0.58 22.00
CA GLY A 271 21.38 0.79 21.91
C GLY A 271 21.96 0.16 20.67
N ALA A 272 22.98 0.80 20.12
CA ALA A 272 23.66 0.28 18.92
C ALA A 272 24.21 -1.12 19.18
N ASP A 273 24.76 -1.34 20.37
CA ASP A 273 25.31 -2.65 20.74
C ASP A 273 24.23 -3.73 20.82
N THR A 274 23.07 -3.38 21.38
CA THR A 274 21.91 -4.28 21.41
C THR A 274 21.48 -4.66 20.00
N HIS A 275 21.35 -3.66 19.13
CA HIS A 275 20.95 -3.89 17.75
C HIS A 275 21.99 -4.72 16.98
N ALA A 276 23.28 -4.43 17.21
CA ALA A 276 24.35 -5.24 16.59
C ALA A 276 24.23 -6.71 17.01
N ARG A 277 23.95 -6.93 18.29
CA ARG A 277 23.82 -8.28 18.85
C ARG A 277 22.58 -8.98 18.29
N ALA A 278 21.49 -8.24 18.18
CA ALA A 278 20.25 -8.78 17.64
C ALA A 278 20.42 -9.21 16.18
N ARG A 279 21.07 -8.37 15.39
CA ARG A 279 21.31 -8.68 13.99
C ARG A 279 22.15 -9.96 13.85
N ALA A 280 23.16 -10.09 14.70
CA ALA A 280 24.02 -11.27 14.69
C ALA A 280 23.24 -12.53 15.07
N ARG A 281 22.41 -12.44 16.11
CA ARG A 281 21.60 -13.58 16.56
C ARG A 281 20.60 -13.99 15.48
N LEU A 282 20.00 -13.01 14.81
CA LEU A 282 19.05 -13.32 13.75
C LEU A 282 19.74 -14.01 12.57
N ALA A 283 20.95 -13.54 12.24
CA ALA A 283 21.72 -14.14 11.15
C ALA A 283 22.10 -15.58 11.51
N GLU A 284 22.43 -15.81 12.78
CA GLU A 284 22.79 -17.15 13.25
C GLU A 284 21.58 -18.09 13.14
N ALA A 285 20.42 -17.59 13.56
CA ALA A 285 19.18 -18.35 13.48
C ALA A 285 18.81 -18.68 12.04
N ALA A 286 19.01 -17.72 11.14
CA ALA A 286 18.71 -17.90 9.73
C ALA A 286 19.59 -18.94 9.09
N GLU A 287 20.88 -18.92 9.40
CA GLU A 287 21.81 -19.90 8.85
C GLU A 287 21.51 -21.30 9.38
N GLU A 288 21.16 -21.41 10.67
CA GLU A 288 20.82 -22.70 11.26
C GLU A 288 19.52 -23.24 10.67
N THR A 289 18.54 -22.35 10.51
CA THR A 289 17.29 -22.72 9.87
C THR A 289 17.51 -23.30 8.47
N ALA A 290 18.36 -22.63 7.70
CA ALA A 290 18.65 -23.08 6.33
C ALA A 290 19.29 -24.46 6.31
N ARG A 291 20.20 -24.72 7.26
CA ARG A 291 20.78 -26.04 7.40
C ARG A 291 19.72 -27.09 7.75
N ARG A 292 18.82 -26.77 8.68
CA ARG A 292 17.80 -27.71 9.14
C ARG A 292 16.79 -28.05 8.06
N ARG A 293 16.54 -27.10 7.18
CA ARG A 293 15.58 -27.29 6.10
C ARG A 293 16.24 -27.79 4.82
N ALA A 294 17.55 -28.02 4.86
CA ALA A 294 18.32 -28.43 3.68
C ALA A 294 18.04 -27.46 2.53
N GLY A 295 18.23 -26.17 2.80
CA GLY A 295 17.87 -25.09 1.87
C GLY A 295 17.45 -23.86 2.63
N GLY A 296 17.55 -22.70 1.99
CA GLY A 296 17.46 -21.40 2.67
C GLY A 296 16.11 -21.04 3.28
N ALA A 297 15.51 -19.95 2.78
CA ALA A 297 14.26 -19.42 3.29
C ALA A 297 13.15 -19.65 2.26
N ALA A 298 11.94 -19.89 2.76
CA ALA A 298 10.77 -20.17 1.93
C ALA A 298 10.64 -19.19 0.77
N THR A 299 10.27 -19.71 -0.40
N THR A 299 10.26 -19.71 -0.40
CA THR A 299 9.91 -18.85 -1.52
CA THR A 299 9.92 -18.86 -1.54
C THR A 299 8.58 -18.18 -1.24
C THR A 299 8.52 -18.28 -1.40
N LEU A 300 7.68 -18.90 -0.56
CA LEU A 300 6.33 -18.41 -0.31
C LEU A 300 6.25 -17.86 1.12
N ASN A 301 5.50 -16.79 1.30
N ASN A 301 5.68 -16.64 1.20
CA ASN A 301 5.30 -16.26 2.63
CA ASN A 301 5.52 -15.83 2.42
C ASN A 301 3.82 -16.12 2.91
C ASN A 301 4.29 -14.94 2.27
N CYS A 302 3.21 -15.02 2.48
N CYS A 302 3.77 -14.40 3.36
CA CYS A 302 1.77 -14.89 2.58
CA CYS A 302 2.67 -13.44 3.27
C CYS A 302 1.36 -14.40 3.97
C CYS A 302 2.23 -12.89 4.61
N THR A 303 0.98 -13.12 4.02
N THR A 303 1.31 -11.94 4.56
CA THR A 303 0.52 -12.47 5.24
CA THR A 303 0.52 -11.56 5.72
C THR A 303 -0.96 -12.17 5.10
C THR A 303 -0.95 -11.70 5.33
N LEU A 304 -1.72 -12.39 6.17
CA LEU A 304 -3.16 -12.48 6.04
C LEU A 304 -3.81 -11.58 7.05
N ALA A 305 -4.90 -10.92 6.68
CA ALA A 305 -5.59 -10.06 7.63
C ALA A 305 -7.07 -9.96 7.40
N VAL A 306 -7.77 -9.66 8.48
CA VAL A 306 -9.18 -9.32 8.44
C VAL A 306 -9.33 -7.96 9.10
N VAL A 307 -9.96 -7.03 8.41
CA VAL A 307 -10.31 -5.73 8.96
CA VAL A 307 -10.31 -5.75 8.99
C VAL A 307 -11.83 -5.72 9.11
N ALA A 308 -12.32 -5.18 10.21
CA ALA A 308 -13.76 -5.18 10.44
C ALA A 308 -14.23 -3.87 11.03
N THR A 309 -15.50 -3.56 10.81
CA THR A 309 -16.10 -2.39 11.42
C THR A 309 -17.59 -2.61 11.60
N ASP A 310 -18.18 -1.89 12.55
CA ASP A 310 -19.63 -1.89 12.71
C ASP A 310 -20.31 -0.76 11.94
N ALA A 311 -19.54 0.14 11.35
CA ALA A 311 -20.09 1.14 10.42
C ALA A 311 -20.63 0.40 9.21
N THR A 312 -21.82 0.79 8.76
CA THR A 312 -22.45 0.17 7.61
C THR A 312 -21.72 0.54 6.32
N LEU A 313 -21.25 -0.48 5.60
CA LEU A 313 -20.60 -0.33 4.31
C LEU A 313 -21.32 -1.16 3.26
N THR A 314 -21.38 -0.64 2.05
CA THR A 314 -21.75 -1.47 0.90
C THR A 314 -20.58 -2.39 0.61
N ARG A 315 -20.80 -3.40 -0.20
CA ARG A 315 -19.72 -4.30 -0.59
CA ARG A 315 -19.71 -4.30 -0.56
C ARG A 315 -18.58 -3.55 -1.28
N ALA A 316 -18.91 -2.62 -2.17
CA ALA A 316 -17.87 -1.83 -2.85
C ALA A 316 -17.05 -0.98 -1.88
N GLN A 317 -17.71 -0.42 -0.87
CA GLN A 317 -17.02 0.35 0.16
C GLN A 317 -16.12 -0.57 0.99
N ALA A 318 -16.60 -1.77 1.29
CA ALA A 318 -15.78 -2.76 1.99
C ALA A 318 -14.57 -3.19 1.12
N GLN A 319 -14.77 -3.28 -0.19
CA GLN A 319 -13.67 -3.65 -1.09
C GLN A 319 -12.60 -2.55 -1.08
N LYS A 320 -13.05 -1.30 -1.04
CA LYS A 320 -12.14 -0.17 -0.93
C LYS A 320 -11.38 -0.22 0.38
N LEU A 321 -12.06 -0.55 1.47
CA LEU A 321 -11.44 -0.69 2.79
C LEU A 321 -10.39 -1.79 2.79
N ALA A 322 -10.69 -2.92 2.15
CA ALA A 322 -9.72 -4.01 2.08
C ALA A 322 -8.46 -3.56 1.33
N GLY A 323 -8.66 -2.82 0.24
CA GLY A 323 -7.54 -2.33 -0.58
C GLY A 323 -6.71 -1.32 0.17
N THR A 324 -7.39 -0.38 0.81
CA THR A 324 -6.72 0.67 1.55
C THR A 324 -5.97 0.12 2.79
N ALA A 325 -6.50 -0.92 3.44
CA ALA A 325 -5.83 -1.54 4.58
C ALA A 325 -4.44 -2.12 4.26
N HIS A 326 -4.22 -2.54 3.03
CA HIS A 326 -2.87 -2.96 2.59
C HIS A 326 -1.81 -1.89 2.86
N ASP A 327 -2.21 -0.62 2.85
CA ASP A 327 -1.27 0.47 3.15
C ASP A 327 -0.71 0.33 4.54
N GLY A 328 -1.54 -0.17 5.45
CA GLY A 328 -1.13 -0.40 6.82
C GLY A 328 -0.05 -1.45 6.92
N LEU A 329 -0.17 -2.49 6.10
CA LEU A 329 0.85 -3.49 6.01
C LEU A 329 2.17 -2.87 5.55
N ALA A 330 2.12 -2.02 4.53
CA ALA A 330 3.32 -1.36 3.99
C ALA A 330 4.02 -0.52 5.04
N ARG A 331 3.24 0.12 5.92
CA ARG A 331 3.85 0.95 6.97
C ARG A 331 4.47 0.14 8.09
N ALA A 332 4.10 -1.13 8.21
CA ALA A 332 4.65 -2.00 9.26
C ALA A 332 5.77 -2.94 8.80
N VAL A 333 5.84 -3.24 7.50
CA VAL A 333 6.77 -4.24 6.99
C VAL A 333 7.40 -3.74 5.68
N ARG A 334 8.70 -3.92 5.51
CA ARG A 334 9.39 -3.51 4.28
C ARG A 334 10.46 -4.53 3.90
N PRO A 335 10.47 -4.98 2.63
CA PRO A 335 9.47 -4.69 1.60
C PRO A 335 8.21 -5.52 1.82
N VAL A 336 7.13 -5.19 1.10
CA VAL A 336 5.91 -6.01 1.06
C VAL A 336 5.48 -6.20 -0.39
N HIS A 337 4.49 -7.06 -0.61
CA HIS A 337 3.88 -7.27 -1.92
C HIS A 337 4.88 -7.65 -3.00
N LEU A 338 5.84 -8.50 -2.61
N LEU A 338 5.86 -8.45 -2.63
CA LEU A 338 6.78 -9.13 -3.52
CA LEU A 338 6.81 -8.96 -3.61
C LEU A 338 6.14 -10.37 -4.12
C LEU A 338 6.10 -9.97 -4.50
N LEU A 339 6.84 -11.01 -5.05
N LEU A 339 6.76 -10.38 -5.58
CA LEU A 339 6.34 -12.22 -5.68
CA LEU A 339 6.17 -11.33 -6.53
C LEU A 339 6.12 -13.35 -4.69
C LEU A 339 5.72 -12.58 -5.80
N SER A 340 7.05 -13.50 -3.76
N SER A 340 6.52 -13.04 -4.84
CA SER A 340 6.95 -14.54 -2.74
CA SER A 340 6.27 -14.27 -4.11
C SER A 340 5.83 -14.22 -1.78
C SER A 340 5.41 -14.13 -2.85
N ASP A 341 5.31 -13.00 -1.84
N ASP A 341 4.99 -12.90 -2.53
CA ASP A 341 4.26 -12.55 -0.93
CA ASP A 341 4.26 -12.60 -1.29
C ASP A 341 2.85 -12.74 -1.52
C ASP A 341 2.74 -12.63 -1.50
N GLY A 342 2.04 -13.52 -0.81
CA GLY A 342 0.60 -13.68 -1.11
C GLY A 342 -0.28 -12.93 -0.11
N ASP A 343 -0.12 -11.62 -0.05
CA ASP A 343 -0.78 -10.81 0.99
C ASP A 343 -2.27 -10.66 0.67
N THR A 344 -3.12 -10.97 1.64
CA THR A 344 -4.58 -10.96 1.44
C THR A 344 -5.24 -10.28 2.63
N VAL A 345 -6.11 -9.33 2.33
CA VAL A 345 -6.91 -8.65 3.34
C VAL A 345 -8.40 -8.82 3.03
N PHE A 346 -9.13 -9.36 4.01
CA PHE A 346 -10.59 -9.41 3.98
C PHE A 346 -11.13 -8.24 4.79
N ALA A 347 -12.21 -7.63 4.32
CA ALA A 347 -12.87 -6.57 5.08
C ALA A 347 -14.31 -6.93 5.36
N LEU A 348 -14.76 -6.68 6.59
CA LEU A 348 -16.11 -7.03 7.04
C LEU A 348 -16.82 -5.82 7.63
N SER A 349 -18.10 -5.69 7.35
CA SER A 349 -18.96 -4.73 8.03
C SER A 349 -20.16 -5.45 8.65
N THR A 350 -20.40 -5.24 9.94
CA THR A 350 -21.56 -5.85 10.61
C THR A 350 -22.84 -5.05 10.38
N GLY A 351 -22.70 -3.84 9.84
CA GLY A 351 -23.85 -3.05 9.40
C GLY A 351 -24.75 -2.59 10.52
N ARG A 352 -24.17 -2.36 11.70
CA ARG A 352 -24.98 -1.98 12.87
C ARG A 352 -25.10 -0.47 13.09
N ARG A 353 -24.21 0.31 12.49
CA ARG A 353 -24.22 1.76 12.66
C ARG A 353 -24.24 2.44 11.32
N PRO A 354 -25.09 3.45 11.16
CA PRO A 354 -25.04 4.22 9.92
C PRO A 354 -23.73 4.98 9.80
N LEU A 355 -23.25 5.14 8.57
CA LEU A 355 -22.02 5.88 8.30
C LEU A 355 -22.12 7.31 8.84
N LEU A 356 -23.25 7.96 8.59
CA LEU A 356 -23.57 9.28 9.15
C LEU A 356 -24.66 9.17 10.20
N PRO A 357 -24.29 9.33 11.49
CA PRO A 357 -25.30 9.27 12.56
C PRO A 357 -26.05 10.59 12.71
N HIS A 371 -18.91 17.02 1.12
CA HIS A 371 -19.36 15.66 0.88
C HIS A 371 -19.24 14.81 2.15
N LEU A 372 -20.34 14.73 2.89
CA LEU A 372 -20.34 14.17 4.24
C LEU A 372 -20.14 12.68 4.28
N GLU A 373 -20.82 11.93 3.40
CA GLU A 373 -20.63 10.48 3.35
C GLU A 373 -19.16 10.16 3.04
N ALA A 374 -18.58 10.90 2.09
CA ALA A 374 -17.19 10.68 1.71
C ALA A 374 -16.27 10.91 2.91
N GLY A 375 -16.53 11.98 3.67
CA GLY A 375 -15.74 12.29 4.86
C GLY A 375 -15.81 11.18 5.90
N ALA A 376 -17.02 10.67 6.13
CA ALA A 376 -17.21 9.58 7.09
C ALA A 376 -16.51 8.31 6.63
N LEU A 377 -16.64 7.97 5.35
CA LEU A 377 -15.94 6.80 4.82
C LEU A 377 -14.43 6.97 4.87
N ASN A 378 -13.94 8.17 4.56
CA ASN A 378 -12.50 8.43 4.65
C ASN A 378 -11.93 8.16 6.05
N GLU A 379 -12.71 8.46 7.10
CA GLU A 379 -12.28 8.19 8.47
C GLU A 379 -12.10 6.67 8.67
N VAL A 380 -13.07 5.90 8.17
CA VAL A 380 -13.01 4.44 8.26
C VAL A 380 -11.83 3.89 7.46
N LEU A 381 -11.65 4.41 6.24
CA LEU A 381 -10.55 3.98 5.37
C LEU A 381 -9.18 4.27 5.99
N ALA A 382 -9.01 5.46 6.57
CA ALA A 382 -7.75 5.81 7.23
C ALA A 382 -7.51 4.92 8.45
N ALA A 383 -8.56 4.69 9.25
CA ALA A 383 -8.46 3.84 10.42
C ALA A 383 -8.12 2.39 10.06
N GLY A 384 -8.68 1.91 8.95
CA GLY A 384 -8.41 0.55 8.50
C GLY A 384 -6.93 0.28 8.28
N ALA A 385 -6.23 1.22 7.66
CA ALA A 385 -4.79 1.08 7.46
C ALA A 385 -4.09 1.10 8.81
N ASP A 386 -4.47 2.06 9.66
CA ASP A 386 -3.78 2.22 10.94
C ASP A 386 -3.94 1.02 11.85
N VAL A 387 -5.14 0.45 11.93
CA VAL A 387 -5.33 -0.71 12.80
C VAL A 387 -4.57 -1.93 12.30
N LEU A 388 -4.41 -2.05 10.99
CA LEU A 388 -3.59 -3.14 10.47
C LEU A 388 -2.11 -2.94 10.80
N THR A 389 -1.60 -1.72 10.66
CA THR A 389 -0.21 -1.45 11.04
C THR A 389 0.00 -1.84 12.51
N ARG A 390 -0.92 -1.39 13.35
CA ARG A 390 -0.84 -1.65 14.77
C ARG A 390 -0.96 -3.14 15.11
N ALA A 391 -1.85 -3.85 14.42
CA ALA A 391 -1.99 -5.29 14.59
C ALA A 391 -0.70 -6.04 14.27
N VAL A 392 -0.01 -5.63 13.20
CA VAL A 392 1.28 -6.25 12.87
C VAL A 392 2.29 -6.05 14.01
N VAL A 393 2.36 -4.85 14.56
CA VAL A 393 3.29 -4.58 15.68
C VAL A 393 2.93 -5.48 16.86
N HIS A 394 1.64 -5.58 17.17
CA HIS A 394 1.21 -6.46 18.25
C HIS A 394 1.60 -7.92 18.03
N ALA A 395 1.52 -8.39 16.78
CA ALA A 395 1.88 -9.76 16.46
C ALA A 395 3.35 -10.01 16.77
N VAL A 396 4.19 -9.07 16.35
CA VAL A 396 5.62 -9.18 16.53
C VAL A 396 5.99 -9.17 18.02
N LEU A 397 5.33 -8.29 18.79
CA LEU A 397 5.59 -8.19 20.23
C LEU A 397 5.01 -9.33 21.06
N ALA A 398 3.88 -9.89 20.61
CA ALA A 398 3.23 -10.99 21.32
C ALA A 398 3.95 -12.32 21.14
N ALA A 399 4.72 -12.44 20.07
CA ALA A 399 5.36 -13.72 19.74
C ALA A 399 6.44 -14.09 20.74
N THR A 400 6.56 -15.40 20.95
CA THR A 400 7.70 -15.96 21.66
CA THR A 400 7.66 -16.02 21.68
C THR A 400 8.44 -16.86 20.68
N GLY A 401 9.76 -16.95 20.85
CA GLY A 401 10.59 -17.69 19.89
C GLY A 401 10.33 -19.18 19.84
N VAL A 402 10.70 -19.79 18.71
CA VAL A 402 10.66 -21.25 18.58
C VAL A 402 11.99 -21.81 18.13
N ASP A 403 12.17 -23.10 18.41
CA ASP A 403 13.37 -23.83 18.04
C ASP A 403 12.95 -25.28 17.82
N THR A 404 12.76 -25.64 16.56
CA THR A 404 12.32 -26.98 16.21
C THR A 404 13.20 -27.54 15.11
N PRO A 405 13.02 -28.82 14.79
CA PRO A 405 13.83 -29.37 13.70
C PRO A 405 13.56 -28.72 12.35
N GLY A 406 12.49 -27.92 12.26
CA GLY A 406 12.15 -27.23 11.03
C GLY A 406 12.49 -25.75 10.98
N GLY A 407 13.07 -25.22 12.05
CA GLY A 407 13.42 -23.80 12.07
C GLY A 407 13.75 -23.27 13.44
N VAL A 408 14.65 -22.28 13.47
CA VAL A 408 14.95 -21.51 14.66
C VAL A 408 14.55 -20.06 14.40
N HIS A 409 13.58 -19.55 15.16
CA HIS A 409 13.04 -18.22 14.95
C HIS A 409 12.85 -17.52 16.29
N PRO A 410 13.82 -16.69 16.69
CA PRO A 410 13.67 -15.95 17.94
C PRO A 410 12.62 -14.86 17.76
N SER A 411 12.07 -14.39 18.87
CA SER A 411 11.13 -13.29 18.84
C SER A 411 11.85 -11.94 18.95
N TYR A 412 11.16 -10.89 18.53
CA TYR A 412 11.66 -9.53 18.68
C TYR A 412 12.06 -9.21 20.12
N ARG A 413 11.20 -9.56 21.07
CA ARG A 413 11.49 -9.23 22.46
C ARG A 413 12.66 -10.03 23.03
N GLU A 414 12.84 -11.27 22.56
CA GLU A 414 14.01 -12.05 22.97
C GLU A 414 15.31 -11.37 22.55
N LEU A 415 15.27 -10.63 21.44
CA LEU A 415 16.45 -9.90 20.95
C LEU A 415 16.56 -8.46 21.49
N TYR A 416 15.44 -7.79 21.72
CA TYR A 416 15.46 -6.35 22.01
C TYR A 416 14.88 -5.89 23.36
N ALA A 417 14.16 -6.75 24.07
CA ALA A 417 13.53 -6.35 25.33
C ALA A 417 14.44 -6.71 26.52
N GLY B 46 25.63 -0.79 -6.61
CA GLY B 46 24.25 -1.02 -6.07
C GLY B 46 23.96 -0.26 -4.79
N GLY B 47 22.71 0.13 -4.60
CA GLY B 47 22.26 0.80 -3.37
C GLY B 47 22.58 2.28 -3.27
N VAL B 48 22.89 2.91 -4.39
CA VAL B 48 23.17 4.35 -4.46
C VAL B 48 22.35 4.95 -5.59
N PRO B 49 22.13 6.28 -5.56
CA PRO B 49 21.36 6.88 -6.65
C PRO B 49 22.08 6.83 -7.98
N GLY B 50 21.33 6.93 -9.06
CA GLY B 50 21.92 7.15 -10.38
C GLY B 50 22.57 8.52 -10.45
N PRO B 51 23.11 8.88 -11.64
CA PRO B 51 23.92 10.09 -11.76
C PRO B 51 23.29 11.40 -11.25
N HIS B 52 22.01 11.63 -11.52
CA HIS B 52 21.33 12.84 -11.04
C HIS B 52 20.19 12.58 -10.05
N ASN B 53 20.09 11.33 -9.58
CA ASN B 53 19.05 10.94 -8.62
C ASN B 53 17.62 11.28 -9.08
N GLY B 54 17.28 10.83 -10.28
CA GLY B 54 15.96 11.09 -10.86
C GLY B 54 15.63 10.19 -12.03
N LEU B 55 14.46 10.44 -12.62
CA LEU B 55 13.85 9.52 -13.58
C LEU B 55 14.69 9.33 -14.84
N THR B 56 15.39 10.39 -15.25
CA THR B 56 16.22 10.35 -16.46
C THR B 56 17.52 9.56 -16.29
N ASP B 57 17.81 9.10 -15.07
CA ASP B 57 18.87 8.11 -14.85
C ASP B 57 18.53 6.76 -15.50
N VAL B 58 17.26 6.53 -15.83
CA VAL B 58 16.89 5.41 -16.70
C VAL B 58 17.18 5.83 -18.14
N PRO B 59 18.20 5.21 -18.78
CA PRO B 59 18.65 5.70 -20.09
C PRO B 59 17.56 5.78 -21.16
N GLY B 60 17.53 6.89 -21.88
CA GLY B 60 16.52 7.09 -22.92
C GLY B 60 15.27 7.82 -22.46
N VAL B 61 15.00 7.81 -21.16
CA VAL B 61 13.83 8.52 -20.62
C VAL B 61 14.07 10.03 -20.60
N ARG B 62 13.06 10.79 -20.99
CA ARG B 62 13.12 12.25 -20.96
C ARG B 62 11.89 12.79 -20.23
N VAL B 63 12.06 13.93 -19.58
CA VAL B 63 10.98 14.56 -18.84
C VAL B 63 10.87 16.01 -19.29
N GLY B 64 9.64 16.47 -19.50
CA GLY B 64 9.40 17.85 -19.91
C GLY B 64 8.30 18.48 -19.08
N HIS B 65 8.52 19.72 -18.65
CA HIS B 65 7.51 20.48 -17.93
C HIS B 65 7.11 21.69 -18.75
N ALA B 66 5.84 22.07 -18.63
CA ALA B 66 5.37 23.33 -19.14
C ALA B 66 4.34 23.82 -18.13
N GLY B 67 4.48 25.08 -17.72
CA GLY B 67 3.56 25.62 -16.73
C GLY B 67 3.21 27.05 -16.98
N ARG B 68 2.21 27.51 -16.24
CA ARG B 68 1.77 28.90 -16.27
C ARG B 68 1.60 29.39 -14.84
N THR B 69 2.32 30.46 -14.51
CA THR B 69 2.22 31.09 -13.20
C THR B 69 2.01 32.59 -13.37
N GLY B 70 1.15 33.15 -12.52
CA GLY B 70 0.87 34.58 -12.51
C GLY B 70 -0.37 34.91 -13.30
N ASP B 71 -0.88 36.12 -13.08
CA ASP B 71 -2.05 36.61 -13.80
CA ASP B 71 -2.08 36.63 -13.75
C ASP B 71 -3.24 35.64 -13.62
N GLY B 72 -3.38 35.05 -12.44
CA GLY B 72 -4.48 34.12 -12.12
C GLY B 72 -4.18 32.63 -12.27
N TRP B 73 -3.00 32.32 -12.78
CA TRP B 73 -2.62 30.94 -13.12
C TRP B 73 -1.63 30.34 -12.13
N LEU B 74 -1.79 29.03 -11.88
CA LEU B 74 -0.82 28.25 -11.11
C LEU B 74 -1.00 26.77 -11.43
N THR B 75 -0.55 26.37 -12.61
CA THR B 75 -0.80 25.00 -13.07
C THR B 75 0.19 24.64 -14.16
N GLY B 76 0.18 23.38 -14.56
CA GLY B 76 1.04 22.94 -15.64
C GLY B 76 0.91 21.47 -15.94
N VAL B 77 1.81 21.02 -16.80
CA VAL B 77 1.80 19.67 -17.33
C VAL B 77 3.21 19.11 -17.24
N THR B 78 3.32 17.81 -16.94
CA THR B 78 4.59 17.12 -16.98
C THR B 78 4.42 15.91 -17.89
N VAL B 79 5.34 15.76 -18.84
CA VAL B 79 5.31 14.62 -19.76
C VAL B 79 6.56 13.78 -19.58
N VAL B 80 6.36 12.47 -19.44
CA VAL B 80 7.45 11.52 -19.47
C VAL B 80 7.44 10.90 -20.86
N LEU B 81 8.57 11.03 -21.55
CA LEU B 81 8.70 10.59 -22.94
C LEU B 81 9.69 9.44 -23.00
N ALA B 82 9.22 8.30 -23.48
CA ALA B 82 10.06 7.13 -23.62
C ALA B 82 11.00 7.31 -24.81
N PRO B 83 12.09 6.52 -24.86
CA PRO B 83 12.97 6.61 -26.03
C PRO B 83 12.25 6.12 -27.29
N PRO B 84 12.80 6.48 -28.46
CA PRO B 84 12.23 5.98 -29.71
C PRO B 84 12.03 4.47 -29.68
N GLY B 85 10.87 4.02 -30.16
CA GLY B 85 10.48 2.61 -30.07
C GLY B 85 9.55 2.35 -28.92
N GLY B 86 9.44 3.32 -28.01
CA GLY B 86 8.51 3.23 -26.90
C GLY B 86 9.02 2.44 -25.71
N ALA B 87 8.14 2.25 -24.74
CA ALA B 87 8.45 1.50 -23.54
C ALA B 87 7.24 0.65 -23.17
N VAL B 88 7.50 -0.54 -22.64
CA VAL B 88 6.44 -1.36 -22.07
C VAL B 88 5.87 -0.57 -20.91
N ALA B 89 4.54 -0.51 -20.83
CA ALA B 89 3.89 0.30 -19.82
C ALA B 89 2.73 -0.41 -19.16
N ALA B 90 2.48 -0.03 -17.91
CA ALA B 90 1.34 -0.51 -17.13
C ALA B 90 0.88 0.58 -16.17
N VAL B 91 -0.25 0.36 -15.52
CA VAL B 91 -0.83 1.34 -14.62
C VAL B 91 -1.55 0.65 -13.46
N ASP B 92 -1.55 1.33 -12.32
CA ASP B 92 -2.34 0.94 -11.17
C ASP B 92 -3.01 2.22 -10.66
N VAL B 93 -4.32 2.29 -10.87
CA VAL B 93 -5.12 3.43 -10.46
C VAL B 93 -5.91 3.05 -9.23
N ARG B 94 -5.80 3.87 -8.18
CA ARG B 94 -6.56 3.66 -6.96
C ARG B 94 -7.33 4.92 -6.59
N GLY B 95 -8.64 4.91 -6.88
CA GLY B 95 -9.50 6.06 -6.67
C GLY B 95 -10.02 6.66 -7.96
N GLY B 96 -9.62 6.05 -9.08
CA GLY B 96 -10.12 6.39 -10.41
C GLY B 96 -9.97 7.85 -10.80
N GLY B 97 -10.90 8.30 -11.64
CA GLY B 97 -11.06 9.71 -11.91
C GLY B 97 -11.99 10.32 -10.87
N PRO B 98 -12.41 11.57 -11.10
CA PRO B 98 -12.24 12.28 -12.36
C PRO B 98 -10.79 12.57 -12.70
N GLY B 99 -10.38 12.16 -13.90
CA GLY B 99 -9.18 12.65 -14.53
C GLY B 99 -8.20 11.60 -14.97
N THR B 100 -8.66 10.54 -15.64
CA THR B 100 -7.75 9.63 -16.32
C THR B 100 -8.15 9.36 -17.77
N ARG B 101 -7.14 9.01 -18.54
CA ARG B 101 -7.28 8.75 -19.98
C ARG B 101 -6.44 7.56 -20.38
N GLU B 102 -7.01 6.69 -21.22
CA GLU B 102 -6.30 5.59 -21.86
C GLU B 102 -5.63 4.60 -20.90
N THR B 103 -6.26 4.42 -19.74
CA THR B 103 -5.78 3.44 -18.78
C THR B 103 -6.12 2.01 -19.21
N ASP B 104 -7.29 1.81 -19.83
CA ASP B 104 -7.71 0.47 -20.28
C ASP B 104 -6.72 -0.13 -21.28
N ALA B 105 -6.14 0.73 -22.11
CA ALA B 105 -5.19 0.32 -23.13
C ALA B 105 -3.94 -0.32 -22.53
N LEU B 106 -3.67 -0.04 -21.26
CA LEU B 106 -2.49 -0.56 -20.57
C LEU B 106 -2.74 -1.90 -19.87
N ASP B 107 -3.94 -2.47 -20.02
CA ASP B 107 -4.21 -3.82 -19.49
C ASP B 107 -3.31 -4.85 -20.19
N PRO B 108 -2.73 -5.80 -19.44
CA PRO B 108 -1.90 -6.86 -20.03
C PRO B 108 -2.54 -7.68 -21.17
N ARG B 109 -3.86 -7.75 -21.20
CA ARG B 109 -4.55 -8.53 -22.24
C ARG B 109 -4.61 -7.83 -23.59
N ASN B 110 -4.35 -6.53 -23.60
CA ASN B 110 -4.70 -5.74 -24.76
C ASN B 110 -3.61 -5.67 -25.82
N LEU B 111 -3.97 -5.10 -26.96
CA LEU B 111 -3.17 -5.20 -28.18
C LEU B 111 -1.86 -4.45 -28.11
N VAL B 112 -1.91 -3.19 -27.66
N VAL B 112 -1.92 -3.17 -27.74
CA VAL B 112 -0.73 -2.31 -27.66
CA VAL B 112 -0.76 -2.28 -27.87
C VAL B 112 0.01 -2.36 -26.32
C VAL B 112 0.30 -2.58 -26.80
N GLN B 113 1.18 -3.01 -26.31
N GLN B 113 1.50 -2.83 -27.29
CA GLN B 113 1.98 -3.20 -25.09
CA GLN B 113 2.56 -3.47 -26.53
C GLN B 113 2.90 -2.02 -24.78
C GLN B 113 3.53 -2.50 -25.87
N THR B 114 3.39 -1.33 -25.81
N THR B 114 3.44 -1.23 -26.26
CA THR B 114 4.35 -0.24 -25.64
CA THR B 114 4.35 -0.22 -25.77
C THR B 114 3.77 1.12 -26.05
C THR B 114 3.78 1.15 -26.09
N ILE B 115 4.15 2.15 -25.28
CA ILE B 115 3.69 3.53 -25.49
C ILE B 115 4.91 4.47 -25.53
N ASP B 116 4.71 5.71 -25.96
CA ASP B 116 5.80 6.69 -26.04
C ASP B 116 5.75 7.78 -24.99
N ALA B 117 4.55 8.17 -24.54
CA ALA B 117 4.42 9.25 -23.56
C ALA B 117 3.34 9.00 -22.51
N VAL B 118 3.62 9.45 -21.29
CA VAL B 118 2.65 9.52 -20.20
C VAL B 118 2.49 10.99 -19.82
N VAL B 119 1.25 11.42 -19.62
CA VAL B 119 0.95 12.82 -19.34
C VAL B 119 0.39 13.00 -17.93
N LEU B 120 1.08 13.80 -17.11
CA LEU B 120 0.57 14.23 -15.81
C LEU B 120 0.19 15.69 -15.91
N THR B 121 -1.00 16.05 -15.45
CA THR B 121 -1.49 17.41 -15.65
C THR B 121 -2.30 17.93 -14.48
N GLY B 122 -2.23 19.24 -14.26
CA GLY B 122 -3.20 19.90 -13.40
C GLY B 122 -4.52 20.08 -14.14
N GLY B 123 -5.44 20.83 -13.53
CA GLY B 123 -6.72 21.14 -14.16
C GLY B 123 -7.82 20.13 -13.95
N SER B 124 -7.59 19.11 -13.11
CA SER B 124 -8.55 18.02 -12.93
C SER B 124 -8.99 17.44 -14.28
N ALA B 125 -10.25 17.03 -14.42
CA ALA B 125 -10.71 16.40 -15.67
C ALA B 125 -10.54 17.31 -16.89
N PHE B 126 -10.66 18.62 -16.69
CA PHE B 126 -10.47 19.57 -17.79
C PHE B 126 -9.06 19.47 -18.36
N GLY B 127 -8.08 19.25 -17.48
CA GLY B 127 -6.68 19.17 -17.86
C GLY B 127 -6.33 18.02 -18.79
N LEU B 128 -7.21 17.02 -18.85
CA LEU B 128 -7.02 15.92 -19.79
C LEU B 128 -6.92 16.42 -21.23
N ASP B 129 -7.45 17.60 -21.50
CA ASP B 129 -7.28 18.26 -22.81
C ASP B 129 -5.81 18.37 -23.22
N ALA B 130 -4.90 18.48 -22.25
CA ALA B 130 -3.47 18.55 -22.56
C ALA B 130 -2.96 17.32 -23.32
N ALA B 131 -3.57 16.16 -23.09
CA ALA B 131 -3.11 14.93 -23.71
C ALA B 131 -3.34 14.92 -25.22
N GLY B 132 -4.38 15.62 -25.68
CA GLY B 132 -4.63 15.75 -27.12
C GLY B 132 -3.49 16.44 -27.86
N GLY B 133 -2.85 17.41 -27.20
CA GLY B 133 -1.69 18.09 -27.79
C GLY B 133 -0.48 17.20 -27.91
N VAL B 134 -0.31 16.32 -26.92
CA VAL B 134 0.79 15.37 -26.92
C VAL B 134 0.58 14.31 -28.00
N ALA B 135 -0.67 13.83 -28.15
CA ALA B 135 -1.01 12.91 -29.23
C ALA B 135 -0.72 13.53 -30.60
N ALA B 136 -1.05 14.80 -30.77
CA ALA B 136 -0.83 15.50 -32.04
C ALA B 136 0.67 15.58 -32.36
N TRP B 137 1.48 15.93 -31.37
CA TRP B 137 2.93 15.96 -31.53
C TRP B 137 3.50 14.59 -31.90
N LEU B 138 3.04 13.55 -31.19
CA LEU B 138 3.51 12.20 -31.45
C LEU B 138 3.20 11.77 -32.89
N GLU B 139 1.98 12.06 -33.35
CA GLU B 139 1.62 11.76 -34.74
C GLU B 139 2.59 12.44 -35.72
N GLU B 140 2.88 13.71 -35.47
CA GLU B 140 3.82 14.45 -36.32
C GLU B 140 5.21 13.79 -36.36
N GLN B 141 5.59 13.16 -35.27
CA GLN B 141 6.87 12.46 -35.17
C GLN B 141 6.82 11.02 -35.68
N GLY B 142 5.64 10.56 -36.10
CA GLY B 142 5.47 9.21 -36.60
C GLY B 142 5.58 8.15 -35.51
N ARG B 143 5.18 8.52 -34.30
CA ARG B 143 5.34 7.67 -33.13
C ARG B 143 3.97 7.24 -32.60
N GLY B 144 3.70 5.94 -32.71
CA GLY B 144 2.45 5.40 -32.24
C GLY B 144 2.22 4.03 -32.83
N PHE B 145 1.08 3.43 -32.51
CA PHE B 145 0.74 2.13 -33.02
C PHE B 145 0.51 2.23 -34.52
N PRO B 146 1.23 1.42 -35.32
CA PRO B 146 1.10 1.52 -36.78
C PRO B 146 -0.24 0.98 -37.29
N VAL B 147 -0.95 1.79 -38.07
CA VAL B 147 -2.27 1.43 -38.60
C VAL B 147 -2.33 1.60 -40.12
N GLY B 148 -1.17 1.50 -40.77
CA GLY B 148 -1.11 1.61 -42.23
C GLY B 148 0.26 1.27 -42.75
N ALA B 149 0.35 0.97 -44.04
CA ALA B 149 1.63 0.69 -44.69
C ALA B 149 2.52 1.93 -44.71
N ASP B 150 1.89 3.11 -44.68
CA ASP B 150 2.59 4.37 -44.59
C ASP B 150 3.00 4.60 -43.13
N PRO B 151 4.31 4.76 -42.86
CA PRO B 151 4.79 5.03 -41.50
C PRO B 151 4.24 6.31 -40.83
N SER B 152 3.64 7.22 -41.59
CA SER B 152 2.98 8.38 -40.97
C SER B 152 1.65 8.02 -40.31
N GLN B 153 1.13 6.83 -40.61
CA GLN B 153 -0.18 6.43 -40.15
C GLN B 153 -0.08 5.68 -38.83
N VAL B 154 -0.18 6.43 -37.75
CA VAL B 154 -0.02 5.90 -36.39
C VAL B 154 -1.16 6.36 -35.49
N VAL B 155 -1.47 5.56 -34.48
CA VAL B 155 -2.35 6.00 -33.40
C VAL B 155 -1.56 6.00 -32.10
N PRO B 156 -1.22 7.21 -31.60
CA PRO B 156 -0.51 7.28 -30.32
C PRO B 156 -1.42 6.89 -29.18
N VAL B 157 -0.93 6.02 -28.30
CA VAL B 157 -1.59 5.68 -27.04
C VAL B 157 -0.96 6.54 -25.96
N VAL B 158 -1.72 7.52 -25.49
CA VAL B 158 -1.22 8.53 -24.57
C VAL B 158 -2.02 8.47 -23.28
N PRO B 159 -1.56 7.65 -22.32
CA PRO B 159 -2.23 7.66 -21.03
C PRO B 159 -2.02 8.99 -20.30
N ALA B 160 -3.00 9.38 -19.50
CA ALA B 160 -2.90 10.61 -18.73
C ALA B 160 -3.61 10.49 -17.41
N ALA B 161 -3.14 11.27 -16.44
CA ALA B 161 -3.82 11.42 -15.16
C ALA B 161 -3.70 12.87 -14.73
N ALA B 162 -4.76 13.37 -14.11
CA ALA B 162 -4.86 14.77 -13.74
C ALA B 162 -5.02 14.90 -12.25
N LEU B 163 -4.49 15.99 -11.70
CA LEU B 163 -4.67 16.32 -10.31
C LEU B 163 -5.51 17.58 -10.19
N PHE B 164 -6.17 17.72 -9.04
CA PHE B 164 -7.06 18.83 -8.79
C PHE B 164 -6.27 20.01 -8.21
N ASP B 165 -6.17 21.08 -8.99
CA ASP B 165 -5.53 22.32 -8.53
C ASP B 165 -6.36 23.55 -8.89
N LEU B 166 -7.67 23.36 -9.10
CA LEU B 166 -8.52 24.42 -9.61
C LEU B 166 -8.55 25.66 -8.72
N GLY B 167 -8.40 26.82 -9.36
CA GLY B 167 -8.49 28.09 -8.66
C GLY B 167 -7.29 28.50 -7.83
N ARG B 168 -6.24 27.67 -7.75
CA ARG B 168 -5.12 27.98 -6.84
C ARG B 168 -4.24 29.14 -7.29
N GLY B 169 -4.39 29.57 -8.54
CA GLY B 169 -3.76 30.80 -9.03
C GLY B 169 -4.64 32.02 -8.86
N GLY B 170 -5.93 31.80 -8.61
CA GLY B 170 -6.91 32.88 -8.50
C GLY B 170 -8.07 32.76 -9.48
N THR B 171 -7.78 32.28 -10.68
CA THR B 171 -8.79 32.17 -11.75
C THR B 171 -9.26 30.74 -11.89
N TRP B 172 -10.56 30.52 -11.72
CA TRP B 172 -11.11 29.16 -11.72
C TRP B 172 -10.91 28.39 -13.02
N ARG B 173 -11.12 29.05 -14.16
CA ARG B 173 -11.02 28.35 -15.45
C ARG B 173 -9.62 28.33 -16.05
N ALA B 174 -8.62 28.70 -15.26
CA ALA B 174 -7.22 28.64 -15.66
C ALA B 174 -6.65 27.22 -15.57
N ARG B 175 -6.85 26.43 -16.63
CA ARG B 175 -6.48 25.01 -16.68
C ARG B 175 -5.61 24.68 -17.89
N PRO B 176 -4.77 23.63 -17.80
CA PRO B 176 -4.00 23.22 -18.98
C PRO B 176 -4.87 22.84 -20.18
N ASP B 177 -4.40 23.20 -21.36
CA ASP B 177 -5.08 22.89 -22.61
C ASP B 177 -4.13 22.12 -23.52
N ALA B 178 -4.58 21.79 -24.73
CA ALA B 178 -3.77 21.05 -25.70
C ALA B 178 -2.41 21.72 -25.93
N ALA B 179 -2.42 23.04 -26.05
CA ALA B 179 -1.19 23.78 -26.32
C ALA B 179 -0.16 23.63 -25.20
N LEU B 180 -0.62 23.63 -23.95
CA LEU B 180 0.28 23.47 -22.83
C LEU B 180 0.86 22.04 -22.79
N GLY B 181 0.02 21.06 -23.12
CA GLY B 181 0.48 19.68 -23.24
C GLY B 181 1.54 19.51 -24.31
N ARG B 182 1.30 20.09 -25.50
CA ARG B 182 2.29 20.04 -26.57
CA ARG B 182 2.29 20.04 -26.57
C ARG B 182 3.61 20.66 -26.12
N ALA B 183 3.53 21.79 -25.45
CA ALA B 183 4.72 22.49 -24.98
C ALA B 183 5.56 21.61 -24.05
N ALA B 184 4.89 20.82 -23.20
CA ALA B 184 5.59 19.93 -22.27
C ALA B 184 6.32 18.79 -22.98
N VAL B 185 5.68 18.16 -23.97
CA VAL B 185 6.35 17.06 -24.68
C VAL B 185 7.47 17.60 -25.57
N GLU B 186 7.28 18.78 -26.15
CA GLU B 186 8.34 19.42 -26.94
C GLU B 186 9.55 19.76 -26.06
N ALA B 187 9.29 20.22 -24.83
CA ALA B 187 10.35 20.46 -23.86
C ALA B 187 11.08 19.17 -23.52
N ALA B 188 10.33 18.09 -23.29
CA ALA B 188 10.94 16.78 -23.05
C ALA B 188 11.87 16.37 -24.18
N ALA B 189 11.38 16.51 -25.41
CA ALA B 189 12.10 16.08 -26.61
C ALA B 189 13.39 16.86 -26.86
N ALA B 190 13.43 18.11 -26.43
CA ALA B 190 14.60 18.96 -26.67
C ALA B 190 15.76 18.65 -25.71
N ARG B 191 15.47 17.95 -24.63
CA ARG B 191 16.49 17.60 -23.64
C ARG B 191 17.38 16.45 -24.12
N PRO B 192 18.65 16.44 -23.70
CA PRO B 192 19.53 15.30 -23.96
C PRO B 192 19.16 14.12 -23.06
N GLU B 193 19.73 12.95 -23.32
CA GLU B 193 19.57 11.83 -22.40
C GLU B 193 20.29 12.15 -21.09
N GLY B 194 19.78 11.61 -19.99
CA GLY B 194 20.43 11.76 -18.69
C GLY B 194 20.46 13.17 -18.15
N ASP B 195 19.54 14.01 -18.59
CA ASP B 195 19.46 15.40 -18.16
C ASP B 195 18.79 15.48 -16.78
N PRO B 196 19.32 16.31 -15.86
CA PRO B 196 18.68 16.44 -14.55
C PRO B 196 17.23 16.91 -14.67
N VAL B 197 16.34 16.34 -13.85
CA VAL B 197 14.93 16.69 -13.87
C VAL B 197 14.69 17.85 -12.92
N GLU B 198 14.01 18.91 -13.39
CA GLU B 198 13.64 20.03 -12.55
C GLU B 198 12.55 19.61 -11.57
N GLN B 199 12.69 19.99 -10.30
CA GLN B 199 11.76 19.62 -9.25
C GLN B 199 11.06 20.84 -8.68
N GLY B 200 10.08 20.59 -7.82
CA GLY B 200 9.36 21.65 -7.12
C GLY B 200 8.10 22.09 -7.85
N GLY B 201 7.85 23.40 -7.82
CA GLY B 201 6.63 23.97 -8.41
C GLY B 201 6.75 24.14 -9.91
N VAL B 202 6.89 23.02 -10.62
CA VAL B 202 7.05 23.01 -12.07
C VAL B 202 6.11 21.97 -12.69
N GLY B 203 5.78 22.15 -13.96
CA GLY B 203 4.90 21.22 -14.65
C GLY B 203 3.63 20.93 -13.89
N ALA B 204 3.26 19.64 -13.80
CA ALA B 204 2.07 19.23 -13.06
C ALA B 204 2.14 19.57 -11.56
N GLY B 205 3.34 19.79 -11.05
CA GLY B 205 3.52 20.16 -9.65
C GLY B 205 3.28 21.63 -9.35
N THR B 206 3.10 22.45 -10.38
CA THR B 206 3.02 23.91 -10.21
C THR B 206 1.96 24.29 -9.16
N GLY B 207 0.76 23.72 -9.26
CA GLY B 207 -0.34 24.01 -8.34
C GLY B 207 -0.59 22.97 -7.27
N ALA B 208 0.35 22.06 -7.07
CA ALA B 208 0.16 20.93 -6.18
C ALA B 208 0.33 21.31 -4.70
N VAL B 209 -0.52 20.73 -3.86
CA VAL B 209 -0.54 20.96 -2.42
C VAL B 209 -0.68 19.62 -1.71
N VAL B 210 0.14 19.40 -0.68
CA VAL B 210 0.12 18.15 0.07
C VAL B 210 -0.10 18.44 1.56
N GLY B 211 -1.24 18.00 2.08
CA GLY B 211 -1.56 18.21 3.49
C GLY B 211 -1.53 19.69 3.88
N GLY B 212 -1.93 20.56 2.96
CA GLY B 212 -1.90 22.00 3.18
C GLY B 212 -0.58 22.69 2.83
N LEU B 213 0.53 21.95 2.91
CA LEU B 213 1.86 22.47 2.54
C LEU B 213 1.96 22.51 1.03
N LYS B 214 2.87 23.32 0.50
CA LYS B 214 3.10 23.30 -0.94
C LYS B 214 3.72 21.95 -1.34
N GLY B 215 3.11 21.33 -2.35
CA GLY B 215 3.61 20.09 -2.94
C GLY B 215 4.40 20.43 -4.19
N GLY B 216 4.50 19.47 -5.09
CA GLY B 216 5.26 19.69 -6.32
C GLY B 216 5.76 18.41 -6.95
N ILE B 217 6.73 18.58 -7.87
CA ILE B 217 7.41 17.48 -8.51
C ILE B 217 8.63 17.06 -7.69
N GLY B 218 8.79 15.76 -7.51
CA GLY B 218 10.00 15.20 -6.93
C GLY B 218 10.42 13.94 -7.68
N THR B 219 11.70 13.61 -7.59
CA THR B 219 12.21 12.46 -8.31
C THR B 219 13.36 11.81 -7.54
N ALA B 220 13.60 10.54 -7.82
CA ALA B 220 14.63 9.77 -7.15
C ALA B 220 14.93 8.51 -7.94
N SER B 221 16.18 8.05 -7.84
CA SER B 221 16.59 6.82 -8.50
C SER B 221 17.46 5.98 -7.60
N VAL B 222 17.62 4.71 -7.97
CA VAL B 222 18.55 3.80 -7.29
C VAL B 222 19.10 2.83 -8.33
N VAL B 223 20.38 2.49 -8.17
CA VAL B 223 21.02 1.53 -9.04
C VAL B 223 21.02 0.20 -8.31
N LEU B 224 20.59 -0.85 -9.01
CA LEU B 224 20.53 -2.19 -8.42
C LEU B 224 21.88 -2.86 -8.59
N ASP B 225 22.08 -3.97 -7.87
CA ASP B 225 23.31 -4.75 -7.95
C ASP B 225 23.58 -5.28 -9.35
N SER B 226 22.51 -5.51 -10.11
CA SER B 226 22.61 -5.97 -11.49
C SER B 226 23.10 -4.88 -12.45
N GLY B 227 23.07 -3.62 -12.01
CA GLY B 227 23.40 -2.50 -12.88
C GLY B 227 22.19 -1.78 -13.44
N ALA B 228 21.02 -2.41 -13.35
CA ALA B 228 19.77 -1.77 -13.76
C ALA B 228 19.43 -0.62 -12.82
N THR B 229 18.73 0.38 -13.35
CA THR B 229 18.29 1.54 -12.59
C THR B 229 16.77 1.49 -12.43
N VAL B 230 16.30 1.83 -11.25
CA VAL B 230 14.88 2.01 -11.00
C VAL B 230 14.70 3.44 -10.49
N ALA B 231 13.68 4.13 -10.97
CA ALA B 231 13.47 5.52 -10.59
C ALA B 231 12.00 5.90 -10.59
N ALA B 232 11.70 7.02 -9.94
CA ALA B 232 10.34 7.52 -9.87
C ALA B 232 10.29 9.02 -10.01
N LEU B 233 9.17 9.50 -10.54
CA LEU B 233 8.82 10.90 -10.55
C LEU B 233 7.42 11.01 -10.00
N ALA B 234 7.20 11.95 -9.09
CA ALA B 234 5.91 12.13 -8.45
C ALA B 234 5.46 13.58 -8.49
N ALA B 235 4.16 13.76 -8.73
CA ALA B 235 3.49 15.05 -8.54
C ALA B 235 2.58 14.88 -7.32
N VAL B 236 2.99 15.51 -6.22
CA VAL B 236 2.38 15.22 -4.93
C VAL B 236 1.34 16.28 -4.55
N ASN B 237 0.07 15.85 -4.48
CA ASN B 237 -1.06 16.73 -4.28
C ASN B 237 -2.06 16.12 -3.28
N ALA B 238 -1.53 15.43 -2.28
CA ALA B 238 -2.32 14.56 -1.43
C ALA B 238 -3.11 15.29 -0.35
N ALA B 239 -4.23 14.68 0.04
CA ALA B 239 -5.02 15.16 1.16
C ALA B 239 -4.28 14.90 2.46
N GLY B 240 -3.67 13.73 2.55
CA GLY B 240 -2.91 13.33 3.75
C GLY B 240 -1.63 14.11 3.93
N SER B 241 -0.91 13.80 4.99
CA SER B 241 0.28 14.55 5.36
C SER B 241 1.55 13.79 5.06
N ALA B 242 2.56 14.52 4.57
CA ALA B 242 3.91 14.00 4.41
C ALA B 242 4.70 14.13 5.71
N VAL B 243 4.09 14.79 6.69
CA VAL B 243 4.74 15.16 7.93
C VAL B 243 4.09 14.46 9.13
N ASP B 244 4.91 13.80 9.95
CA ASP B 244 4.40 13.18 11.16
C ASP B 244 3.90 14.31 12.06
N PRO B 245 2.60 14.30 12.42
CA PRO B 245 2.04 15.41 13.21
C PRO B 245 2.56 15.51 14.65
N ALA B 246 3.16 14.44 15.16
CA ALA B 246 3.74 14.45 16.50
C ALA B 246 5.08 15.19 16.56
N THR B 247 5.87 15.05 15.49
CA THR B 247 7.28 15.46 15.50
C THR B 247 7.73 16.47 14.45
N GLY B 248 6.99 16.55 13.34
CA GLY B 248 7.41 17.40 12.22
C GLY B 248 8.37 16.72 11.26
N VAL B 249 8.70 15.46 11.53
CA VAL B 249 9.60 14.69 10.68
C VAL B 249 8.83 14.20 9.45
N LEU B 250 9.49 14.25 8.29
CA LEU B 250 8.90 13.71 7.07
C LEU B 250 8.83 12.20 7.16
N TYR B 251 7.63 11.64 7.00
CA TYR B 251 7.45 10.20 7.05
C TYR B 251 8.45 9.45 6.16
N GLY B 252 8.68 9.97 4.96
CA GLY B 252 9.54 9.29 3.99
C GLY B 252 11.02 9.36 4.25
N ALA B 253 11.45 10.27 5.13
CA ALA B 253 12.88 10.52 5.36
C ALA B 253 13.66 9.26 5.73
N ARG B 254 13.09 8.39 6.55
CA ARG B 254 13.86 7.24 7.02
C ARG B 254 14.10 6.19 5.92
N THR B 255 13.43 6.34 4.78
CA THR B 255 13.71 5.53 3.60
C THR B 255 14.81 6.14 2.71
N GLY B 256 15.29 7.32 3.08
CA GLY B 256 16.34 7.99 2.30
C GLY B 256 17.66 7.24 2.29
N LEU B 257 18.42 7.43 1.22
CA LEU B 257 19.79 6.92 1.13
C LEU B 257 20.72 7.96 1.79
N PRO B 258 21.93 7.53 2.21
CA PRO B 258 22.82 8.42 2.98
C PRO B 258 23.06 9.80 2.36
N GLY B 259 22.64 10.86 3.06
CA GLY B 259 22.92 12.24 2.68
C GLY B 259 22.19 12.85 1.49
N GLU B 260 21.22 12.15 0.90
CA GLU B 260 20.55 12.67 -0.31
C GLU B 260 19.66 13.89 -0.05
N PHE B 261 19.26 14.09 1.20
CA PHE B 261 18.39 15.22 1.57
C PHE B 261 19.16 16.39 2.20
N ALA B 262 20.47 16.24 2.38
CA ALA B 262 21.29 17.21 3.11
C ALA B 262 21.39 18.60 2.46
N GLY B 263 21.43 18.64 1.13
CA GLY B 263 21.49 19.89 0.37
C GLY B 263 20.27 20.80 0.53
N TYR B 264 19.24 20.33 1.24
CA TYR B 264 18.04 21.12 1.50
C TYR B 264 18.09 21.87 2.85
N GLY B 265 18.95 21.44 3.78
CA GLY B 265 19.25 22.21 5.00
C GLY B 265 18.25 22.21 6.15
N VAL B 266 17.65 21.05 6.41
CA VAL B 266 16.74 20.87 7.55
C VAL B 266 17.50 20.24 8.72
N PRO B 267 17.26 20.71 9.96
CA PRO B 267 17.95 20.11 11.11
C PRO B 267 17.74 18.60 11.25
N ASP B 268 18.74 17.94 11.83
CA ASP B 268 18.66 16.50 12.12
C ASP B 268 17.56 16.22 13.13
N ALA B 269 17.50 17.03 14.18
CA ALA B 269 16.43 16.95 15.17
C ALA B 269 15.61 18.23 15.16
N ILE B 270 14.30 18.08 14.91
CA ILE B 270 13.39 19.21 14.87
C ILE B 270 12.92 19.54 16.28
N GLY B 271 13.15 20.77 16.71
CA GLY B 271 12.71 21.21 18.04
C GLY B 271 11.21 21.19 18.20
N ALA B 272 10.75 20.87 19.41
CA ALA B 272 9.31 20.79 19.70
C ALA B 272 8.59 22.12 19.46
N ASP B 273 9.27 23.23 19.71
CA ASP B 273 8.69 24.56 19.51
C ASP B 273 8.76 25.01 18.05
N THR B 274 9.80 24.60 17.33
CA THR B 274 9.83 24.79 15.87
C THR B 274 8.61 24.11 15.28
N HIS B 275 8.35 22.88 15.72
CA HIS B 275 7.19 22.13 15.27
C HIS B 275 5.87 22.78 15.70
N ALA B 276 5.83 23.31 16.93
CA ALA B 276 4.64 23.99 17.43
C ALA B 276 4.31 25.21 16.57
N ARG B 277 5.35 25.99 16.27
CA ARG B 277 5.25 27.18 15.43
C ARG B 277 4.79 26.82 14.02
N ALA B 278 5.35 25.74 13.49
CA ALA B 278 4.99 25.25 12.16
C ALA B 278 3.53 24.84 12.07
N ARG B 279 3.07 24.06 13.04
CA ARG B 279 1.67 23.61 13.14
CA ARG B 279 1.68 23.60 13.03
C ARG B 279 0.70 24.78 13.12
N ALA B 280 1.02 25.79 13.94
CA ALA B 280 0.16 26.95 14.07
C ALA B 280 0.13 27.75 12.77
N ARG B 281 1.29 27.96 12.16
CA ARG B 281 1.37 28.68 10.89
C ARG B 281 0.63 27.95 9.77
N LEU B 282 0.76 26.63 9.72
CA LEU B 282 0.07 25.85 8.69
C LEU B 282 -1.44 25.89 8.90
N ALA B 283 -1.86 25.87 10.16
CA ALA B 283 -3.28 25.97 10.51
C ALA B 283 -3.87 27.32 10.13
N GLU B 284 -3.08 28.39 10.26
CA GLU B 284 -3.54 29.72 9.92
C GLU B 284 -3.58 29.92 8.39
N ALA B 285 -2.61 29.33 7.68
CA ALA B 285 -2.63 29.33 6.22
C ALA B 285 -3.86 28.59 5.68
N ALA B 286 -4.23 27.48 6.33
CA ALA B 286 -5.43 26.72 5.96
C ALA B 286 -6.70 27.55 6.15
N GLU B 287 -6.80 28.23 7.29
CA GLU B 287 -7.97 29.09 7.56
C GLU B 287 -8.06 30.22 6.55
N GLU B 288 -6.93 30.85 6.24
CA GLU B 288 -6.91 31.94 5.27
C GLU B 288 -7.23 31.43 3.86
N THR B 289 -6.63 30.31 3.47
CA THR B 289 -6.93 29.66 2.20
C THR B 289 -8.43 29.42 2.03
N ALA B 290 -9.06 28.93 3.09
CA ALA B 290 -10.50 28.66 3.10
C ALA B 290 -11.35 29.93 2.96
N ARG B 291 -10.89 31.03 3.53
CA ARG B 291 -11.56 32.32 3.38
C ARG B 291 -11.51 32.80 1.93
N ARG B 292 -10.35 32.65 1.30
CA ARG B 292 -10.14 33.10 -0.07
C ARG B 292 -10.92 32.28 -1.09
N ARG B 293 -11.24 31.04 -0.75
CA ARG B 293 -11.95 30.12 -1.64
C ARG B 293 -13.44 29.96 -1.30
N ALA B 294 -13.90 30.58 -0.20
CA ALA B 294 -15.30 30.48 0.24
C ALA B 294 -15.72 29.08 0.72
N GLY B 295 -14.72 28.23 0.94
CA GLY B 295 -14.96 26.85 1.38
C GLY B 295 -13.64 26.22 1.78
N GLY B 296 -13.70 25.10 2.50
CA GLY B 296 -12.51 24.49 3.08
C GLY B 296 -11.56 23.83 2.09
N ALA B 297 -10.93 22.75 2.54
CA ALA B 297 -9.95 22.02 1.71
C ALA B 297 -10.61 21.37 0.50
N ALA B 298 -9.81 21.16 -0.54
CA ALA B 298 -10.29 20.51 -1.76
C ALA B 298 -10.84 19.12 -1.46
N THR B 299 -11.96 18.78 -2.08
CA THR B 299 -12.51 17.44 -1.98
C THR B 299 -11.57 16.47 -2.68
N LEU B 300 -11.18 16.83 -3.90
CA LEU B 300 -10.35 15.99 -4.73
C LEU B 300 -8.87 16.27 -4.49
N ASN B 301 -8.11 15.20 -4.28
CA ASN B 301 -6.67 15.24 -4.03
C ASN B 301 -6.05 13.99 -4.62
N CYS B 302 -4.73 13.98 -4.80
CA CYS B 302 -4.04 12.77 -5.23
C CYS B 302 -2.53 12.92 -5.23
N THR B 303 -1.86 11.80 -5.47
CA THR B 303 -0.48 11.79 -5.90
C THR B 303 -0.45 11.06 -7.25
N LEU B 304 0.25 11.64 -8.23
CA LEU B 304 0.46 11.02 -9.53
C LEU B 304 1.91 10.63 -9.63
N ALA B 305 2.22 9.48 -10.21
CA ALA B 305 3.60 9.07 -10.32
C ALA B 305 3.90 8.22 -11.55
N VAL B 306 5.14 8.30 -11.99
CA VAL B 306 5.67 7.40 -13.00
C VAL B 306 6.90 6.73 -12.37
N VAL B 307 6.92 5.41 -12.42
CA VAL B 307 8.07 4.63 -12.02
C VAL B 307 8.65 3.99 -13.29
N ALA B 308 9.97 4.01 -13.41
CA ALA B 308 10.62 3.51 -14.61
C ALA B 308 11.86 2.68 -14.29
N THR B 309 12.19 1.76 -15.20
CA THR B 309 13.41 0.96 -15.09
C THR B 309 13.89 0.56 -16.48
N ASP B 310 15.19 0.29 -16.62
CA ASP B 310 15.72 -0.26 -17.86
C ASP B 310 15.78 -1.79 -17.84
N ALA B 311 15.48 -2.38 -16.68
CA ALA B 311 15.29 -3.82 -16.59
C ALA B 311 14.09 -4.22 -17.44
N THR B 312 14.25 -5.29 -18.21
CA THR B 312 13.21 -5.74 -19.13
C THR B 312 12.07 -6.40 -18.36
N LEU B 313 10.88 -5.82 -18.45
CA LEU B 313 9.67 -6.35 -17.84
C LEU B 313 8.60 -6.64 -18.88
N THR B 314 7.83 -7.70 -18.66
CA THR B 314 6.58 -7.89 -19.39
C THR B 314 5.58 -6.86 -18.88
N ARG B 315 4.47 -6.71 -19.59
CA ARG B 315 3.44 -5.77 -19.14
CA ARG B 315 3.43 -5.78 -19.14
C ARG B 315 2.90 -6.19 -17.76
N ALA B 316 2.72 -7.49 -17.55
CA ALA B 316 2.20 -7.97 -16.26
C ALA B 316 3.17 -7.68 -15.13
N GLN B 317 4.47 -7.83 -15.39
CA GLN B 317 5.49 -7.49 -14.39
C GLN B 317 5.50 -5.99 -14.11
N ALA B 318 5.31 -5.19 -15.16
CA ALA B 318 5.22 -3.74 -14.98
C ALA B 318 3.98 -3.36 -14.18
N GLN B 319 2.89 -4.10 -14.37
CA GLN B 319 1.66 -3.84 -13.64
C GLN B 319 1.90 -4.15 -12.16
N LYS B 320 2.64 -5.22 -11.89
CA LYS B 320 3.03 -5.54 -10.53
C LYS B 320 3.89 -4.41 -9.93
N LEU B 321 4.83 -3.89 -10.71
CA LEU B 321 5.68 -2.79 -10.27
C LEU B 321 4.86 -1.52 -9.96
N ALA B 322 3.87 -1.22 -10.79
CA ALA B 322 2.99 -0.08 -10.54
C ALA B 322 2.25 -0.27 -9.20
N GLY B 323 1.89 -1.51 -8.90
CA GLY B 323 1.25 -1.85 -7.62
C GLY B 323 2.15 -1.67 -6.41
N THR B 324 3.35 -2.22 -6.46
CA THR B 324 4.28 -2.12 -5.32
CA THR B 324 4.30 -2.13 -5.36
C THR B 324 4.73 -0.68 -5.10
N ALA B 325 4.82 0.11 -6.16
CA ALA B 325 5.13 1.52 -6.03
C ALA B 325 4.13 2.25 -5.09
N HIS B 326 2.85 1.87 -5.15
CA HIS B 326 1.86 2.47 -4.25
C HIS B 326 2.22 2.29 -2.76
N ASP B 327 2.94 1.21 -2.44
CA ASP B 327 3.40 0.98 -1.07
C ASP B 327 4.37 2.06 -0.66
N GLY B 328 5.19 2.52 -1.60
CA GLY B 328 6.12 3.62 -1.34
C GLY B 328 5.40 4.91 -1.04
N LEU B 329 4.29 5.15 -1.72
CA LEU B 329 3.45 6.30 -1.43
C LEU B 329 2.93 6.22 0.01
N ALA B 330 2.46 5.04 0.41
CA ALA B 330 1.94 4.85 1.76
C ALA B 330 2.97 5.15 2.83
N ARG B 331 4.22 4.81 2.57
CA ARG B 331 5.27 5.07 3.55
C ARG B 331 5.61 6.55 3.66
N ALA B 332 5.30 7.33 2.63
CA ALA B 332 5.66 8.77 2.62
C ALA B 332 4.52 9.70 3.00
N VAL B 333 3.28 9.23 2.89
CA VAL B 333 2.11 10.09 3.09
C VAL B 333 1.06 9.30 3.86
N ARG B 334 0.46 9.93 4.85
CA ARG B 334 -0.56 9.27 5.68
C ARG B 334 -1.67 10.25 6.06
N PRO B 335 -2.93 9.87 5.80
CA PRO B 335 -3.37 8.67 5.07
C PRO B 335 -3.24 8.87 3.58
N VAL B 336 -3.37 7.78 2.82
CA VAL B 336 -3.49 7.82 1.36
C VAL B 336 -4.59 6.85 0.91
N HIS B 337 -4.88 6.86 -0.39
CA HIS B 337 -5.89 5.98 -0.98
C HIS B 337 -7.26 6.12 -0.33
N LEU B 338 -7.59 7.37 0.00
CA LEU B 338 -8.92 7.66 0.51
C LEU B 338 -9.90 7.64 -0.64
N LEU B 339 -11.20 7.67 -0.30
CA LEU B 339 -12.26 7.58 -1.30
C LEU B 339 -12.05 8.67 -2.36
N SER B 340 -11.70 9.86 -1.88
CA SER B 340 -11.52 11.04 -2.71
C SER B 340 -10.08 11.29 -3.21
N ASP B 341 -9.16 10.36 -2.94
CA ASP B 341 -7.80 10.41 -3.48
CA ASP B 341 -7.80 10.44 -3.48
C ASP B 341 -7.77 9.68 -4.81
N GLY B 342 -7.23 10.30 -5.85
CA GLY B 342 -7.12 9.66 -7.16
C GLY B 342 -5.69 9.26 -7.48
N ASP B 343 -5.11 8.48 -6.57
CA ASP B 343 -3.70 8.13 -6.65
C ASP B 343 -3.44 7.18 -7.81
N THR B 344 -2.52 7.56 -8.69
CA THR B 344 -2.27 6.82 -9.93
C THR B 344 -0.77 6.65 -10.15
N VAL B 345 -0.35 5.41 -10.40
CA VAL B 345 1.04 5.12 -10.73
C VAL B 345 1.13 4.43 -12.08
N PHE B 346 1.92 5.01 -12.98
CA PHE B 346 2.29 4.38 -14.24
C PHE B 346 3.67 3.75 -14.08
N ALA B 347 3.88 2.57 -14.65
CA ALA B 347 5.18 1.92 -14.63
C ALA B 347 5.67 1.68 -16.06
N LEU B 348 6.94 2.01 -16.30
CA LEU B 348 7.56 1.87 -17.62
C LEU B 348 8.82 1.03 -17.57
N SER B 349 9.02 0.21 -18.59
CA SER B 349 10.28 -0.49 -18.78
C SER B 349 10.84 -0.20 -20.17
N THR B 350 12.07 0.28 -20.24
CA THR B 350 12.70 0.57 -21.54
C THR B 350 13.24 -0.70 -22.20
N GLY B 351 13.30 -1.80 -21.46
CA GLY B 351 13.62 -3.11 -22.05
C GLY B 351 15.03 -3.26 -22.55
N ARG B 352 15.99 -2.62 -21.88
CA ARG B 352 17.39 -2.64 -22.34
C ARG B 352 18.29 -3.64 -21.61
N ARG B 353 17.84 -4.11 -20.45
CA ARG B 353 18.62 -5.07 -19.65
C ARG B 353 17.77 -6.26 -19.27
N PRO B 354 18.21 -7.47 -19.61
CA PRO B 354 17.46 -8.64 -19.15
C PRO B 354 17.51 -8.77 -17.62
N LEU B 355 16.47 -9.33 -17.02
CA LEU B 355 16.41 -9.50 -15.56
C LEU B 355 17.58 -10.31 -15.02
N LEU B 356 17.92 -11.38 -15.73
CA LEU B 356 19.11 -12.18 -15.44
C LEU B 356 20.02 -12.22 -16.66
N PRO B 357 21.35 -12.30 -16.46
CA PRO B 357 22.31 -12.20 -17.56
C PRO B 357 22.21 -13.37 -18.55
N HIS B 371 14.18 -19.63 -6.96
CA HIS B 371 13.78 -19.23 -8.31
C HIS B 371 14.41 -17.87 -8.64
N LEU B 372 15.30 -17.87 -9.63
CA LEU B 372 16.19 -16.73 -9.89
C LEU B 372 15.45 -15.52 -10.45
N GLU B 373 14.57 -15.74 -11.42
CA GLU B 373 13.84 -14.63 -12.03
C GLU B 373 12.99 -13.90 -10.98
N ALA B 374 12.38 -14.67 -10.08
CA ALA B 374 11.57 -14.09 -9.00
C ALA B 374 12.40 -13.17 -8.13
N GLY B 375 13.58 -13.63 -7.73
CA GLY B 375 14.50 -12.83 -6.92
C GLY B 375 14.90 -11.55 -7.63
N ALA B 376 15.20 -11.66 -8.92
CA ALA B 376 15.60 -10.52 -9.72
C ALA B 376 14.45 -9.51 -9.85
N LEU B 377 13.25 -10.00 -10.12
CA LEU B 377 12.09 -9.11 -10.17
C LEU B 377 11.79 -8.50 -8.81
N ASN B 378 11.94 -9.29 -7.74
CA ASN B 378 11.69 -8.79 -6.39
C ASN B 378 12.57 -7.57 -6.05
N GLU B 379 13.81 -7.58 -6.52
CA GLU B 379 14.72 -6.45 -6.33
C GLU B 379 14.14 -5.18 -6.97
N VAL B 380 13.64 -5.32 -8.19
CA VAL B 380 13.00 -4.22 -8.91
C VAL B 380 11.74 -3.75 -8.18
N LEU B 381 10.90 -4.69 -7.76
CA LEU B 381 9.66 -4.35 -7.07
C LEU B 381 9.91 -3.58 -5.78
N ALA B 382 10.86 -4.05 -4.97
CA ALA B 382 11.16 -3.39 -3.70
C ALA B 382 11.73 -1.99 -3.92
N ALA B 383 12.62 -1.87 -4.90
CA ALA B 383 13.19 -0.58 -5.30
C ALA B 383 12.11 0.39 -5.77
N GLY B 384 11.12 -0.11 -6.50
CA GLY B 384 10.03 0.71 -6.99
C GLY B 384 9.29 1.45 -5.88
N ALA B 385 9.02 0.76 -4.78
CA ALA B 385 8.39 1.40 -3.65
C ALA B 385 9.31 2.46 -3.06
N ASP B 386 10.57 2.07 -2.84
CA ASP B 386 11.54 2.97 -2.19
C ASP B 386 11.77 4.26 -2.98
N VAL B 387 11.90 4.15 -4.31
CA VAL B 387 12.14 5.35 -5.10
C VAL B 387 10.93 6.29 -5.10
N LEU B 388 9.71 5.75 -5.00
CA LEU B 388 8.53 6.62 -4.92
C LEU B 388 8.49 7.31 -3.53
N THR B 389 8.78 6.57 -2.46
CA THR B 389 8.88 7.19 -1.13
C THR B 389 9.85 8.35 -1.15
N ARG B 390 11.03 8.11 -1.70
CA ARG B 390 12.08 9.13 -1.74
C ARG B 390 11.71 10.30 -2.65
N ALA B 391 11.08 10.01 -3.79
CA ALA B 391 10.59 11.05 -4.70
C ALA B 391 9.59 11.99 -4.02
N VAL B 392 8.71 11.45 -3.19
CA VAL B 392 7.75 12.28 -2.48
C VAL B 392 8.48 13.24 -1.53
N VAL B 393 9.50 12.75 -0.84
CA VAL B 393 10.27 13.59 0.08
C VAL B 393 10.98 14.71 -0.68
N HIS B 394 11.57 14.37 -1.82
CA HIS B 394 12.20 15.40 -2.67
C HIS B 394 11.21 16.45 -3.13
N ALA B 395 9.99 16.03 -3.46
CA ALA B 395 8.95 16.97 -3.87
C ALA B 395 8.65 17.98 -2.77
N VAL B 396 8.53 17.47 -1.55
CA VAL B 396 8.20 18.31 -0.40
C VAL B 396 9.35 19.27 -0.08
N LEU B 397 10.58 18.77 -0.16
CA LEU B 397 11.75 19.60 0.11
C LEU B 397 12.06 20.59 -1.01
N ALA B 398 11.80 20.21 -2.25
CA ALA B 398 12.11 21.09 -3.39
C ALA B 398 11.13 22.25 -3.54
N ALA B 399 9.94 22.10 -2.96
CA ALA B 399 8.90 23.11 -3.08
C ALA B 399 9.26 24.42 -2.40
N THR B 400 8.74 25.50 -2.97
CA THR B 400 8.76 26.83 -2.37
C THR B 400 7.32 27.27 -2.18
N GLY B 401 7.04 28.04 -1.15
CA GLY B 401 5.67 28.40 -0.80
C GLY B 401 5.02 29.36 -1.79
N VAL B 402 3.68 29.40 -1.76
CA VAL B 402 2.91 30.33 -2.58
C VAL B 402 1.86 31.06 -1.77
N ASP B 403 1.48 32.22 -2.28
CA ASP B 403 0.48 33.08 -1.68
C ASP B 403 -0.20 33.80 -2.83
N THR B 404 -1.39 33.33 -3.19
CA THR B 404 -2.15 33.87 -4.30
C THR B 404 -3.58 34.06 -3.83
N PRO B 405 -4.43 34.71 -4.66
CA PRO B 405 -5.84 34.85 -4.30
C PRO B 405 -6.58 33.52 -4.16
N GLY B 406 -6.00 32.44 -4.69
CA GLY B 406 -6.59 31.10 -4.60
C GLY B 406 -6.04 30.21 -3.49
N GLY B 407 -5.09 30.71 -2.70
CA GLY B 407 -4.60 29.97 -1.54
C GLY B 407 -3.23 30.37 -1.01
N VAL B 408 -2.99 30.03 0.25
CA VAL B 408 -1.72 30.27 0.94
C VAL B 408 -1.17 28.92 1.37
N HIS B 409 -0.02 28.56 0.82
CA HIS B 409 0.56 27.23 1.05
C HIS B 409 2.06 27.37 1.26
N PRO B 410 2.48 27.46 2.53
CA PRO B 410 3.91 27.52 2.78
C PRO B 410 4.58 26.18 2.47
N SER B 411 5.88 26.22 2.24
CA SER B 411 6.66 25.02 2.01
C SER B 411 7.16 24.43 3.34
N TYR B 412 7.50 23.15 3.31
CA TYR B 412 8.09 22.48 4.47
C TYR B 412 9.34 23.21 4.99
N ARG B 413 10.23 23.57 4.08
CA ARG B 413 11.47 24.24 4.46
C ARG B 413 11.24 25.64 5.04
N GLU B 414 10.23 26.34 4.54
CA GLU B 414 9.85 27.64 5.12
C GLU B 414 9.43 27.51 6.57
N LEU B 415 8.79 26.39 6.92
CA LEU B 415 8.34 26.15 8.29
C LEU B 415 9.40 25.51 9.18
N TYR B 416 10.25 24.65 8.60
CA TYR B 416 11.16 23.83 9.42
C TYR B 416 12.67 24.08 9.23
N ALA B 417 13.07 24.77 8.17
CA ALA B 417 14.49 24.97 7.88
C ALA B 417 15.03 26.19 8.63
#